data_4PX2
#
_entry.id   4PX2
#
_cell.length_a   148.155
_cell.length_b   148.155
_cell.length_c   131.434
_cell.angle_alpha   90.00
_cell.angle_beta   90.00
_cell.angle_gamma   120.00
#
_symmetry.space_group_name_H-M   'P 65'
#
loop_
_entity.id
_entity.type
_entity.pdbx_description
1 polymer 'Glucokinase regulatory protein'
2 non-polymer N-[(R)-1-benzofuran-2-yl(phenyl)methyl]-3,4-dihydro-2H-1,5-benzodioxepine-7-sulfonamide
3 non-polymer D-SORBITOL-6-PHOSPHATE
4 non-polymer 'IODIDE ION'
5 non-polymer GLYCEROL
6 non-polymer 'SULFATE ION'
7 water water
#
_entity_poly.entity_id   1
_entity_poly.type   'polypeptide(L)'
_entity_poly.pdbx_seq_one_letter_code
;MAHHHHHHDEVDMPGTKRFQHVIETPEPGKWELSGYEAAVPITEKSNPLTQDLDKADAENIVRLLGQCDAEIFQEEGQAL
STYQRLYSESILTTMVQVAGKVQEVLKEPDGGLVVLSGGGTSGRMAFLMSVSFNQLMKGLGQKPLYTYLIAGGDRSVVAS
REGTEDSALHGIEELKKVAAGKKRVIVIGISVGLSAPFVAGQMDCCMNNTAVFLPVLVGFNPVSMARNDPIEDWSSTFRQ
VAERMQKMQEKQKAFVLNPAIGPEGLSGSSRMKGGSATKILLETLLLAAHKTVDQGIAASQRCLLEILRTFERAHQVTYS
QSPKIATLMKSVSTSLEKKGHVYLVGWQTLGIIAIMDGVECIHTFGADFRDVRGFLIGDHSDMFNQKAELTNQGPQFTFS
QEDFLTSILPSLTEIDTVVFIFTLDDNLTEVQTIVEQVKEKTNHIQALAHSTVGQTLPIPLKKLFPSIISITWPLLFFEY
EGNFIQKFQRELSTKWVLNTVSTGAHVLLGKILQNHMLDLRISNSKLFWRALAMLQRFSGQSKARCIESLLRAIHFPQPL
SDDIRAAPISCHVQVAHEKEQVIPIALLSLLFRCSITEAQAHLAAAPSVCEAVRSALAGPGQKRTADPLEILEPDVQG
;
_entity_poly.pdbx_strand_id   A,B
#
loop_
_chem_comp.id
_chem_comp.type
_chem_comp.name
_chem_comp.formula
2WY non-polymer N-[(R)-1-benzofuran-2-yl(phenyl)methyl]-3,4-dihydro-2H-1,5-benzodioxepine-7-sulfonamide 'C24 H21 N O5 S'
GOL non-polymer GLYCEROL 'C3 H8 O3'
IOD non-polymer 'IODIDE ION' 'I -1'
S6P D-saccharide D-SORBITOL-6-PHOSPHATE 'C6 H15 O9 P'
SO4 non-polymer 'SULFATE ION' 'O4 S -2'
#
# COMPACT_ATOMS: atom_id res chain seq x y z
N MET A 13 -1.23 23.36 -3.04
CA MET A 13 -0.57 23.96 -4.23
C MET A 13 0.25 22.83 -4.90
N PRO A 14 0.81 23.08 -6.11
CA PRO A 14 1.65 22.04 -6.78
C PRO A 14 2.88 21.64 -5.96
N GLY A 15 3.25 20.37 -6.06
CA GLY A 15 4.27 19.80 -5.17
C GLY A 15 3.86 19.61 -3.72
N THR A 16 2.58 19.75 -3.40
CA THR A 16 2.22 19.60 -2.01
C THR A 16 2.33 18.14 -1.60
N LYS A 17 1.66 17.24 -2.33
CA LYS A 17 1.69 15.80 -2.01
C LYS A 17 3.09 15.22 -2.03
N ARG A 18 3.88 15.55 -3.07
CA ARG A 18 5.21 14.91 -3.27
C ARG A 18 6.04 15.08 -2.01
N PHE A 19 5.76 16.17 -1.29
CA PHE A 19 6.54 16.64 -0.20
C PHE A 19 5.81 16.65 1.10
N GLN A 20 4.65 16.02 1.13
CA GLN A 20 3.81 16.02 2.35
C GLN A 20 4.53 15.44 3.56
N HIS A 21 5.11 14.26 3.39
CA HIS A 21 5.86 13.60 4.47
C HIS A 21 7.01 14.44 5.05
N VAL A 22 7.44 15.51 4.39
CA VAL A 22 8.64 16.21 4.89
C VAL A 22 8.32 16.96 6.16
N ILE A 23 9.09 16.84 7.23
CA ILE A 23 8.88 17.64 8.45
C ILE A 23 9.38 19.09 8.25
N GLU A 24 8.76 20.05 8.92
CA GLU A 24 9.18 21.47 8.83
C GLU A 24 10.52 21.58 9.49
N THR A 25 11.34 22.53 9.02
CA THR A 25 12.57 22.86 9.72
C THR A 25 12.31 23.44 11.12
N PRO A 26 12.97 22.92 12.14
CA PRO A 26 12.80 23.56 13.45
C PRO A 26 13.45 24.95 13.58
N GLU A 27 12.90 25.77 14.48
CA GLU A 27 13.46 27.09 14.80
C GLU A 27 14.83 26.97 15.46
N PRO A 28 15.60 28.06 15.49
CA PRO A 28 16.90 27.87 16.14
C PRO A 28 16.74 27.41 17.59
N GLY A 29 17.53 26.40 17.98
CA GLY A 29 17.58 25.96 19.38
C GLY A 29 16.55 24.91 19.78
N LYS A 30 15.49 24.75 18.98
CA LYS A 30 14.48 23.73 19.24
C LYS A 30 14.53 22.48 18.29
N TRP A 31 15.73 22.17 17.80
CA TRP A 31 15.95 20.94 17.03
C TRP A 31 15.80 19.82 18.02
N GLU A 32 14.62 19.19 18.09
CA GLU A 32 14.29 18.25 19.20
C GLU A 32 12.90 18.44 19.77
N LEU A 33 12.63 19.62 20.34
CA LEU A 33 11.30 19.96 20.89
C LEU A 33 10.25 20.07 19.77
N SER A 34 10.71 20.43 18.57
CA SER A 34 9.99 20.14 17.32
C SER A 34 9.58 18.68 17.22
N GLY A 35 10.49 17.77 17.60
CA GLY A 35 10.36 16.34 17.34
C GLY A 35 10.84 16.03 15.93
N TYR A 36 11.54 16.96 15.31
CA TYR A 36 12.18 16.66 14.07
C TYR A 36 13.19 15.52 14.38
N GLU A 37 13.99 15.67 15.44
CA GLU A 37 15.13 14.82 15.64
C GLU A 37 14.71 13.40 15.98
N ALA A 38 13.62 13.29 16.75
CA ALA A 38 13.08 11.96 17.09
C ALA A 38 12.50 11.22 15.86
N ALA A 39 12.22 11.97 14.82
CA ALA A 39 11.81 11.40 13.58
C ALA A 39 12.97 11.03 12.63
N VAL A 40 14.22 11.49 12.87
CA VAL A 40 15.30 11.20 11.91
C VAL A 40 15.59 9.76 12.08
N PRO A 41 15.50 8.98 11.00
CA PRO A 41 15.84 7.57 11.24
C PRO A 41 17.25 7.38 11.81
N ILE A 42 17.41 6.41 12.70
CA ILE A 42 18.75 6.15 13.32
C ILE A 42 19.81 6.06 12.22
N THR A 43 19.48 5.41 11.09
CA THR A 43 20.46 5.21 10.06
C THR A 43 20.80 6.50 9.35
N GLU A 44 19.98 7.54 9.46
CA GLU A 44 20.24 8.82 8.92
C GLU A 44 20.80 9.77 9.94
N LYS A 45 20.79 9.44 11.22
CA LYS A 45 21.27 10.36 12.21
C LYS A 45 22.78 10.68 12.09
N SER A 46 23.11 11.86 12.56
CA SER A 46 24.46 12.29 12.95
C SER A 46 24.98 11.54 14.18
N ASN A 47 26.16 10.90 14.11
CA ASN A 47 26.65 10.17 15.29
C ASN A 47 27.32 11.21 16.18
N PRO A 48 26.84 11.43 17.42
CA PRO A 48 27.52 12.44 18.32
C PRO A 48 29.06 12.22 18.48
N LEU A 49 29.49 10.97 18.55
CA LEU A 49 30.93 10.66 18.53
C LEU A 49 31.76 11.25 17.40
N THR A 50 31.15 11.58 16.27
CA THR A 50 31.89 12.08 15.12
C THR A 50 31.49 13.51 14.78
N GLN A 51 30.94 14.28 15.70
CA GLN A 51 30.56 15.65 15.34
C GLN A 51 31.73 16.50 14.87
N ASP A 52 32.97 16.12 15.23
CA ASP A 52 34.17 16.78 14.68
C ASP A 52 35.08 15.84 13.90
N LEU A 53 34.48 14.97 13.09
CA LEU A 53 35.27 14.04 12.33
C LEU A 53 36.11 14.83 11.35
N ASP A 54 35.60 16.01 10.96
CA ASP A 54 36.31 16.82 10.01
C ASP A 54 37.54 17.46 10.66
N LYS A 55 37.76 17.26 11.96
CA LYS A 55 39.01 17.72 12.64
C LYS A 55 39.94 16.64 13.21
N ALA A 56 39.43 15.45 13.43
CA ALA A 56 40.27 14.40 13.90
C ALA A 56 41.45 14.21 12.93
N ASP A 57 42.58 13.79 13.50
CA ASP A 57 43.74 13.39 12.72
C ASP A 57 43.58 11.91 12.38
N ALA A 58 44.55 11.33 11.72
CA ALA A 58 44.36 9.95 11.33
C ALA A 58 44.08 9.06 12.54
N GLU A 59 44.83 9.24 13.62
CA GLU A 59 44.74 8.37 14.81
C GLU A 59 43.32 8.42 15.48
N ASN A 60 42.82 9.61 15.72
CA ASN A 60 41.45 9.79 16.19
C ASN A 60 40.32 9.28 15.28
N ILE A 61 40.47 9.50 13.98
CA ILE A 61 39.54 9.01 13.02
C ILE A 61 39.40 7.54 13.24
N VAL A 62 40.53 6.81 13.34
CA VAL A 62 40.48 5.34 13.53
C VAL A 62 39.77 4.99 14.83
N ARG A 63 40.03 5.78 15.85
CA ARG A 63 39.49 5.56 17.16
C ARG A 63 37.97 5.82 17.18
N LEU A 64 37.56 6.91 16.57
CA LEU A 64 36.15 7.28 16.52
C LEU A 64 35.34 6.27 15.70
N LEU A 65 35.86 5.83 14.56
CA LEU A 65 35.17 4.81 13.78
C LEU A 65 35.15 3.45 14.44
N GLY A 66 36.23 3.09 15.13
CA GLY A 66 36.32 1.79 15.81
C GLY A 66 35.33 1.74 16.95
N GLN A 67 35.16 2.87 17.57
CA GLN A 67 34.11 3.14 18.54
C GLN A 67 32.68 3.16 17.96
N CYS A 68 32.45 3.86 16.84
CA CYS A 68 31.16 3.70 16.15
C CYS A 68 30.92 2.23 15.83
N ASP A 69 31.90 1.53 15.26
CA ASP A 69 31.70 0.12 14.96
C ASP A 69 31.34 -0.69 16.22
N ALA A 70 31.88 -0.30 17.37
CA ALA A 70 31.63 -0.98 18.65
C ALA A 70 30.15 -0.92 19.05
N GLU A 71 29.46 0.11 18.60
CA GLU A 71 28.08 0.27 18.96
C GLU A 71 27.20 -0.85 18.46
N ILE A 72 27.67 -1.67 17.53
CA ILE A 72 26.84 -2.77 17.06
C ILE A 72 26.62 -3.75 18.18
N PHE A 73 27.55 -3.79 19.11
CA PHE A 73 27.55 -4.85 20.13
C PHE A 73 27.04 -4.37 21.48
N GLN A 74 26.84 -3.06 21.57
CA GLN A 74 26.32 -2.39 22.73
C GLN A 74 24.90 -2.86 23.02
N GLU A 75 24.62 -3.10 24.30
CA GLU A 75 23.35 -3.60 24.78
C GLU A 75 22.30 -2.53 25.01
N GLU A 76 21.05 -2.97 25.04
CA GLU A 76 19.93 -2.03 25.27
C GLU A 76 20.01 -1.41 26.69
N GLY A 77 19.98 -0.09 26.80
CA GLY A 77 19.67 0.60 28.07
C GLY A 77 18.23 0.40 28.56
N GLN A 78 17.97 0.86 29.81
CA GLN A 78 16.67 0.67 30.52
C GLN A 78 15.62 1.78 30.32
N SER A 81 13.02 1.55 27.97
CA SER A 81 12.42 2.76 27.45
C SER A 81 13.08 3.22 26.10
N THR A 82 13.56 2.27 25.30
CA THR A 82 14.52 2.53 24.23
C THR A 82 14.68 1.37 23.27
N TYR A 83 15.44 1.57 22.19
CA TYR A 83 15.37 0.64 21.03
C TYR A 83 16.06 -0.76 21.22
N GLN A 84 15.33 -1.82 20.96
CA GLN A 84 15.93 -3.14 20.96
C GLN A 84 17.25 -3.16 20.14
N ARG A 85 18.19 -3.98 20.58
CA ARG A 85 19.46 -4.11 19.94
C ARG A 85 19.83 -5.57 19.73
N LEU A 86 21.03 -5.79 19.23
CA LEU A 86 21.37 -7.08 18.71
C LEU A 86 21.29 -8.11 19.79
N TYR A 87 21.79 -7.74 20.99
CA TYR A 87 21.83 -8.68 22.08
C TYR A 87 20.51 -8.68 22.88
N SER A 88 19.48 -7.97 22.44
CA SER A 88 18.21 -7.92 23.17
C SER A 88 17.47 -9.20 22.88
N GLU A 89 16.68 -9.58 23.86
CA GLU A 89 16.03 -10.86 23.88
C GLU A 89 15.00 -10.95 22.77
N SER A 90 14.25 -9.89 22.54
CA SER A 90 13.36 -9.87 21.39
C SER A 90 14.15 -10.14 20.09
N ILE A 91 15.33 -9.55 19.92
CA ILE A 91 16.04 -9.80 18.63
C ILE A 91 16.51 -11.25 18.57
N LEU A 92 17.24 -11.69 19.59
CA LEU A 92 17.82 -13.04 19.59
C LEU A 92 16.79 -14.09 19.38
N THR A 93 15.65 -13.93 20.03
CA THR A 93 14.47 -14.85 19.85
C THR A 93 13.92 -14.88 18.47
N THR A 94 13.87 -13.73 17.80
CA THR A 94 13.48 -13.69 16.40
C THR A 94 14.55 -14.39 15.60
N MET A 95 15.80 -14.16 15.95
CA MET A 95 16.81 -14.88 15.22
C MET A 95 16.61 -16.38 15.38
N VAL A 96 16.30 -16.83 16.61
CA VAL A 96 16.05 -18.27 16.81
C VAL A 96 14.94 -18.78 15.91
N GLN A 97 13.79 -18.11 15.92
CA GLN A 97 12.64 -18.61 15.13
C GLN A 97 12.93 -18.59 13.64
N VAL A 98 13.70 -17.63 13.16
CA VAL A 98 14.17 -17.61 11.76
C VAL A 98 15.11 -18.78 11.41
N ALA A 99 16.11 -19.05 12.25
CA ALA A 99 16.91 -20.31 12.15
C ALA A 99 16.00 -21.55 12.02
N GLY A 100 15.07 -21.67 12.95
CA GLY A 100 14.00 -22.66 12.91
C GLY A 100 13.47 -22.84 11.49
N LYS A 101 13.09 -21.74 10.84
CA LYS A 101 12.45 -21.81 9.50
C LYS A 101 13.43 -22.11 8.43
N VAL A 102 14.66 -21.62 8.54
CA VAL A 102 15.66 -22.02 7.56
C VAL A 102 15.69 -23.54 7.64
N GLN A 103 15.91 -24.09 8.85
CA GLN A 103 15.99 -25.54 9.04
C GLN A 103 14.91 -26.35 8.31
N GLU A 104 13.63 -25.95 8.39
CA GLU A 104 12.56 -26.68 7.68
C GLU A 104 12.93 -26.88 6.22
N VAL A 105 13.57 -25.86 5.64
CA VAL A 105 13.93 -25.86 4.23
C VAL A 105 15.19 -26.70 4.06
N LEU A 106 16.11 -26.57 4.98
CA LEU A 106 17.24 -27.49 5.00
C LEU A 106 16.79 -28.99 5.02
N LYS A 107 15.69 -29.33 5.68
CA LYS A 107 15.21 -30.74 5.73
C LYS A 107 14.49 -31.20 4.47
N GLU A 108 13.95 -30.27 3.69
CA GLU A 108 13.35 -30.59 2.40
C GLU A 108 13.98 -29.75 1.32
N PRO A 109 15.22 -30.06 0.93
CA PRO A 109 15.89 -29.34 -0.16
C PRO A 109 15.11 -29.28 -1.46
N ASP A 110 14.28 -30.28 -1.72
CA ASP A 110 13.64 -30.36 -3.02
C ASP A 110 12.44 -29.40 -3.11
N GLY A 111 12.60 -28.41 -4.00
CA GLY A 111 11.66 -27.31 -4.15
C GLY A 111 11.89 -26.15 -3.19
N GLY A 112 13.07 -26.10 -2.56
CA GLY A 112 13.31 -25.22 -1.45
C GLY A 112 14.36 -24.25 -1.89
N LEU A 113 14.27 -22.99 -1.43
CA LEU A 113 15.22 -21.98 -1.86
C LEU A 113 15.36 -20.96 -0.76
N VAL A 114 16.55 -20.40 -0.61
CA VAL A 114 16.78 -19.31 0.32
C VAL A 114 17.32 -18.10 -0.39
N VAL A 115 16.52 -17.03 -0.51
CA VAL A 115 17.03 -15.84 -1.20
C VAL A 115 17.50 -14.74 -0.27
N LEU A 116 18.69 -14.22 -0.53
CA LEU A 116 19.23 -13.07 0.19
C LEU A 116 19.30 -11.89 -0.77
N SER A 117 18.66 -10.77 -0.42
CA SER A 117 18.40 -9.70 -1.39
C SER A 117 18.53 -8.29 -0.82
N GLY A 118 19.32 -7.43 -1.44
CA GLY A 118 19.25 -6.01 -1.20
C GLY A 118 19.80 -5.20 -2.33
N GLY A 119 19.82 -3.90 -2.15
CA GLY A 119 20.39 -2.96 -3.10
C GLY A 119 21.73 -2.56 -2.59
N GLY A 120 22.60 -2.15 -3.47
CA GLY A 120 23.84 -1.48 -3.08
C GLY A 120 24.61 -2.44 -2.16
N THR A 121 25.17 -1.92 -1.05
CA THR A 121 25.98 -2.75 -0.14
C THR A 121 25.18 -3.85 0.46
N SER A 122 23.88 -3.70 0.62
CA SER A 122 23.10 -4.83 1.11
C SER A 122 23.10 -5.95 0.14
N GLY A 123 23.11 -5.61 -1.15
CA GLY A 123 23.14 -6.69 -2.20
C GLY A 123 24.52 -7.34 -2.26
N ARG A 124 25.56 -6.52 -2.17
CA ARG A 124 26.89 -7.00 -2.04
C ARG A 124 27.03 -8.02 -0.86
N MET A 125 26.74 -7.60 0.39
CA MET A 125 26.67 -8.55 1.50
C MET A 125 25.88 -9.82 1.19
N ALA A 126 24.74 -9.68 0.54
CA ALA A 126 23.90 -10.84 0.21
C ALA A 126 24.66 -11.90 -0.61
N PHE A 127 25.49 -11.38 -1.49
CA PHE A 127 26.19 -12.14 -2.48
C PHE A 127 27.21 -13.02 -1.77
N LEU A 128 28.09 -12.37 -0.99
CA LEU A 128 29.12 -13.07 -0.24
C LEU A 128 28.55 -14.22 0.56
N MET A 129 27.54 -13.89 1.33
CA MET A 129 26.96 -14.87 2.22
C MET A 129 26.28 -15.99 1.41
N SER A 130 25.71 -15.71 0.25
CA SER A 130 25.07 -16.76 -0.50
C SER A 130 26.17 -17.77 -0.93
N VAL A 131 27.36 -17.26 -1.22
CA VAL A 131 28.40 -18.11 -1.75
C VAL A 131 28.84 -19.01 -0.62
N SER A 132 29.24 -18.35 0.47
CA SER A 132 29.68 -19.04 1.65
C SER A 132 28.77 -20.17 2.00
N PHE A 133 27.47 -19.95 2.11
CA PHE A 133 26.59 -20.98 2.62
C PHE A 133 26.34 -22.06 1.58
N ASN A 134 26.57 -21.72 0.30
CA ASN A 134 26.54 -22.72 -0.78
C ASN A 134 27.83 -23.59 -0.70
N GLN A 135 28.97 -22.97 -0.45
CA GLN A 135 30.19 -23.74 -0.19
C GLN A 135 29.92 -24.80 0.94
N LEU A 136 29.45 -24.32 2.08
CA LEU A 136 29.10 -25.21 3.19
C LEU A 136 28.17 -26.36 2.79
N MET A 137 27.12 -26.11 2.01
CA MET A 137 26.21 -27.21 1.65
C MET A 137 26.81 -28.21 0.65
N LYS A 138 27.71 -27.67 -0.19
CA LYS A 138 28.42 -28.43 -1.21
C LYS A 138 29.41 -29.34 -0.48
N GLY A 139 30.32 -28.72 0.28
CA GLY A 139 31.18 -29.38 1.25
C GLY A 139 30.56 -30.58 1.99
N LEU A 140 29.25 -30.56 2.25
CA LEU A 140 28.53 -31.72 2.78
C LEU A 140 27.91 -32.63 1.72
N GLY A 141 28.25 -32.41 0.45
CA GLY A 141 27.60 -33.11 -0.65
C GLY A 141 26.12 -32.87 -0.84
N GLN A 142 25.61 -31.74 -0.36
CA GLN A 142 24.20 -31.39 -0.59
C GLN A 142 24.10 -30.32 -1.68
N LYS A 143 22.93 -30.23 -2.30
CA LYS A 143 22.81 -29.30 -3.42
C LYS A 143 22.70 -27.89 -2.86
N PRO A 144 23.44 -26.93 -3.44
CA PRO A 144 23.37 -25.54 -2.93
C PRO A 144 21.94 -24.96 -2.95
N LEU A 145 21.40 -24.49 -1.81
CA LEU A 145 20.06 -23.85 -1.82
C LEU A 145 20.07 -22.30 -1.76
N TYR A 146 21.22 -21.66 -1.76
CA TYR A 146 21.25 -20.25 -1.58
C TYR A 146 21.32 -19.55 -2.92
N THR A 147 20.64 -18.42 -3.01
CA THR A 147 20.99 -17.49 -4.04
C THR A 147 20.90 -16.05 -3.52
N TYR A 148 21.52 -15.14 -4.26
CA TYR A 148 21.39 -13.71 -3.97
C TYR A 148 20.50 -13.05 -5.04
N LEU A 149 20.19 -11.78 -4.80
CA LEU A 149 19.53 -10.88 -5.75
C LEU A 149 20.10 -9.54 -5.37
N ILE A 150 20.53 -8.79 -6.36
CA ILE A 150 20.97 -7.43 -6.14
C ILE A 150 20.32 -6.46 -7.15
N ALA A 151 20.00 -5.26 -6.66
CA ALA A 151 19.33 -4.26 -7.45
C ALA A 151 20.19 -3.93 -8.65
N GLY A 152 19.61 -4.12 -9.83
CA GLY A 152 20.27 -3.87 -11.13
C GLY A 152 20.88 -5.14 -11.75
N GLY A 153 20.56 -6.31 -11.22
CA GLY A 153 21.32 -7.56 -11.48
C GLY A 153 22.82 -7.64 -11.15
N ASP A 154 23.35 -8.81 -11.50
CA ASP A 154 24.59 -9.35 -10.98
C ASP A 154 25.72 -8.43 -11.18
N ARG A 155 25.65 -7.66 -12.24
CA ARG A 155 26.69 -6.68 -12.46
C ARG A 155 26.84 -5.71 -11.31
N SER A 156 25.74 -5.40 -10.61
CA SER A 156 25.75 -4.38 -9.50
C SER A 156 26.71 -4.78 -8.37
N VAL A 157 26.92 -6.10 -8.20
CA VAL A 157 27.75 -6.64 -7.11
C VAL A 157 29.08 -5.91 -7.05
N VAL A 158 29.60 -5.54 -8.20
CA VAL A 158 30.92 -4.90 -8.21
C VAL A 158 30.92 -3.57 -8.94
N ALA A 159 29.77 -2.95 -9.00
CA ALA A 159 29.65 -1.64 -9.64
C ALA A 159 28.91 -0.63 -8.77
N SER A 160 29.25 0.65 -8.94
CA SER A 160 28.48 1.77 -8.40
C SER A 160 27.24 2.03 -9.25
N ARG A 161 26.07 1.58 -8.80
CA ARG A 161 24.83 1.72 -9.56
C ARG A 161 23.63 2.11 -8.67
N GLU A 162 23.84 3.22 -7.97
CA GLU A 162 22.96 3.67 -6.84
C GLU A 162 21.51 3.90 -7.28
N GLY A 163 21.29 4.16 -8.58
CA GLY A 163 19.97 4.39 -9.20
C GLY A 163 19.01 3.23 -9.21
N THR A 164 19.50 1.98 -9.09
CA THR A 164 18.62 0.83 -9.38
C THR A 164 17.82 0.32 -8.25
N GLU A 165 18.09 0.77 -7.03
CA GLU A 165 17.26 0.34 -5.86
C GLU A 165 15.82 0.87 -5.82
N ASP A 166 15.49 1.80 -6.73
CA ASP A 166 14.22 2.58 -6.66
C ASP A 166 12.95 1.95 -7.23
N SER A 167 13.01 0.76 -7.78
CA SER A 167 11.80 0.13 -8.35
C SER A 167 11.33 -1.12 -7.65
N ALA A 168 10.11 -1.09 -7.13
CA ALA A 168 9.53 -2.25 -6.51
C ALA A 168 9.23 -3.36 -7.50
N LEU A 169 8.78 -2.99 -8.71
CA LEU A 169 8.45 -3.98 -9.73
C LEU A 169 9.64 -4.75 -10.12
N HIS A 170 10.76 -4.06 -10.25
CA HIS A 170 11.98 -4.71 -10.64
C HIS A 170 12.49 -5.74 -9.58
N GLY A 171 12.16 -5.50 -8.31
CA GLY A 171 12.52 -6.37 -7.23
C GLY A 171 11.67 -7.60 -7.31
N ILE A 172 10.40 -7.38 -7.59
CA ILE A 172 9.47 -8.46 -7.61
C ILE A 172 9.77 -9.37 -8.81
N GLU A 173 10.15 -8.76 -9.93
CA GLU A 173 10.51 -9.45 -11.17
C GLU A 173 11.57 -10.50 -10.89
N GLU A 174 12.71 -10.00 -10.43
CA GLU A 174 13.90 -10.81 -10.15
C GLU A 174 13.59 -11.90 -9.14
N LEU A 175 12.77 -11.57 -8.15
CA LEU A 175 12.33 -12.56 -7.21
C LEU A 175 11.46 -13.63 -7.90
N LYS A 176 10.54 -13.20 -8.78
CA LYS A 176 9.76 -14.16 -9.56
C LYS A 176 10.65 -15.04 -10.47
N LYS A 177 11.70 -14.44 -11.02
CA LYS A 177 12.62 -15.16 -11.88
C LYS A 177 13.24 -16.29 -11.13
N VAL A 178 14.01 -15.94 -10.13
CA VAL A 178 14.77 -16.89 -9.33
C VAL A 178 13.87 -17.85 -8.59
N ALA A 179 12.62 -17.50 -8.29
CA ALA A 179 11.74 -18.41 -7.54
C ALA A 179 10.89 -19.38 -8.37
N ALA A 180 11.19 -19.40 -9.69
CA ALA A 180 10.99 -20.54 -10.64
C ALA A 180 9.77 -21.40 -10.35
N GLY A 181 9.99 -22.70 -10.18
CA GLY A 181 8.93 -23.56 -9.73
C GLY A 181 9.41 -24.20 -8.45
N LYS A 182 9.76 -23.37 -7.47
CA LYS A 182 10.21 -23.82 -6.15
C LYS A 182 8.95 -23.98 -5.34
N LYS A 183 8.97 -24.74 -4.25
CA LYS A 183 7.76 -24.90 -3.41
C LYS A 183 7.82 -24.15 -2.08
N ARG A 184 9.02 -23.88 -1.60
CA ARG A 184 9.26 -23.26 -0.28
C ARG A 184 10.40 -22.27 -0.44
N VAL A 185 10.12 -21.00 -0.20
CA VAL A 185 11.09 -19.97 -0.49
C VAL A 185 11.18 -18.96 0.66
N ILE A 186 12.39 -18.84 1.19
CA ILE A 186 12.69 -17.93 2.24
C ILE A 186 13.37 -16.77 1.56
N VAL A 187 12.77 -15.59 1.72
CA VAL A 187 13.36 -14.34 1.13
C VAL A 187 13.75 -13.38 2.25
N ILE A 188 15.06 -13.25 2.39
CA ILE A 188 15.66 -12.42 3.33
C ILE A 188 15.99 -11.12 2.59
N GLY A 189 15.11 -10.13 2.77
CA GLY A 189 15.26 -8.81 2.22
C GLY A 189 16.07 -7.94 3.14
N ILE A 190 17.15 -7.44 2.65
CA ILE A 190 18.06 -6.72 3.45
C ILE A 190 18.06 -5.24 3.04
N SER A 191 17.54 -4.38 3.91
CA SER A 191 17.65 -2.94 3.70
C SER A 191 17.94 -2.26 5.02
N VAL A 192 19.14 -1.73 5.15
CA VAL A 192 19.56 -1.09 6.35
C VAL A 192 18.65 0.03 6.90
N GLY A 193 18.24 0.91 6.00
CA GLY A 193 17.36 2.01 6.35
C GLY A 193 15.93 1.55 6.42
N LEU A 194 15.64 0.28 6.09
CA LEU A 194 14.27 -0.20 5.82
C LEU A 194 13.69 0.85 4.80
N SER A 195 14.38 0.92 3.68
CA SER A 195 14.29 2.00 2.77
C SER A 195 14.07 1.58 1.31
N ALA A 196 14.77 0.53 0.82
CA ALA A 196 14.85 0.29 -0.62
C ALA A 196 13.54 -0.25 -1.24
N PRO A 197 13.02 0.47 -2.25
CA PRO A 197 11.80 -0.01 -2.86
C PRO A 197 11.93 -1.44 -3.47
N PHE A 198 13.10 -1.73 -4.00
CA PHE A 198 13.47 -3.07 -4.45
C PHE A 198 13.11 -4.11 -3.41
N VAL A 199 13.41 -3.85 -2.15
CA VAL A 199 13.13 -4.84 -1.12
C VAL A 199 11.69 -4.77 -0.73
N ALA A 200 11.17 -3.56 -0.58
CA ALA A 200 9.76 -3.45 -0.21
C ALA A 200 8.84 -4.34 -1.11
N GLY A 201 9.05 -4.23 -2.41
CA GLY A 201 8.23 -5.00 -3.32
C GLY A 201 8.34 -6.51 -3.08
N GLN A 202 9.55 -7.01 -2.82
CA GLN A 202 9.73 -8.48 -2.57
C GLN A 202 8.98 -8.98 -1.35
N MET A 203 9.11 -8.22 -0.26
CA MET A 203 8.45 -8.56 0.97
C MET A 203 6.94 -8.62 0.74
N ASP A 204 6.40 -7.62 0.06
CA ASP A 204 4.95 -7.54 -0.14
C ASP A 204 4.48 -8.70 -1.01
N CYS A 205 5.23 -8.99 -2.06
CA CYS A 205 4.96 -10.16 -2.90
C CYS A 205 5.01 -11.44 -2.06
N CYS A 206 6.06 -11.61 -1.24
CA CYS A 206 6.08 -12.81 -0.37
C CYS A 206 4.82 -12.88 0.42
N MET A 207 4.37 -11.77 0.99
CA MET A 207 3.16 -11.81 1.83
C MET A 207 1.86 -12.10 1.07
N ASN A 208 1.83 -11.88 -0.24
CA ASN A 208 0.64 -12.27 -0.97
C ASN A 208 0.68 -13.74 -1.42
N ASN A 209 1.70 -14.49 -1.01
CA ASN A 209 1.75 -15.92 -1.30
C ASN A 209 2.58 -16.70 -0.26
N THR A 210 2.01 -16.81 0.92
CA THR A 210 2.75 -17.37 2.04
C THR A 210 2.63 -18.88 2.00
N ALA A 211 1.84 -19.44 1.07
CA ALA A 211 1.92 -20.88 0.78
C ALA A 211 3.34 -21.22 0.30
N VAL A 212 3.93 -20.34 -0.48
CA VAL A 212 5.27 -20.57 -0.98
C VAL A 212 6.32 -19.75 -0.25
N PHE A 213 6.02 -18.47 -0.02
CA PHE A 213 7.02 -17.53 0.47
C PHE A 213 7.01 -17.26 1.97
N LEU A 214 8.21 -17.19 2.55
CA LEU A 214 8.37 -16.62 3.86
C LEU A 214 9.36 -15.42 3.75
N PRO A 215 8.87 -14.20 4.08
CA PRO A 215 9.74 -13.05 4.06
C PRO A 215 10.37 -12.75 5.43
N VAL A 216 11.67 -12.48 5.43
CA VAL A 216 12.40 -12.02 6.57
C VAL A 216 13.05 -10.68 6.23
N LEU A 217 12.66 -9.63 6.92
CA LEU A 217 13.14 -8.29 6.61
C LEU A 217 14.25 -7.94 7.58
N VAL A 218 15.40 -7.58 7.05
CA VAL A 218 16.53 -7.24 7.88
C VAL A 218 16.96 -5.82 7.68
N GLY A 219 17.01 -5.04 8.75
CA GLY A 219 17.59 -3.70 8.72
C GLY A 219 17.85 -3.12 10.10
N PHE A 220 18.14 -1.82 10.21
CA PHE A 220 18.61 -1.32 11.47
C PHE A 220 17.88 -0.05 11.94
N ASN A 221 16.64 0.09 11.51
CA ASN A 221 15.75 1.10 12.07
C ASN A 221 14.55 0.40 12.67
N PRO A 222 13.98 0.96 13.74
CA PRO A 222 12.59 0.64 14.13
C PRO A 222 11.65 0.81 12.97
N VAL A 223 10.69 -0.05 12.89
CA VAL A 223 9.72 0.02 11.82
C VAL A 223 8.99 1.39 11.78
N SER A 224 8.81 2.02 12.94
CA SER A 224 8.28 3.39 12.97
C SER A 224 9.18 4.35 12.28
N MET A 225 10.41 3.97 11.97
CA MET A 225 11.24 4.90 11.22
C MET A 225 11.48 4.48 9.80
N ALA A 226 10.85 3.40 9.38
CA ALA A 226 11.00 2.96 8.02
C ALA A 226 10.49 4.03 7.07
N ARG A 227 10.98 4.06 5.83
CA ARG A 227 10.47 5.01 4.84
C ARG A 227 8.97 4.95 4.65
N ASN A 228 8.38 6.14 4.60
CA ASN A 228 6.97 6.31 4.38
C ASN A 228 6.66 7.26 3.22
N ASP A 229 7.55 7.50 2.29
CA ASP A 229 7.29 8.27 1.09
C ASP A 229 6.83 7.33 0.02
N PRO A 230 5.99 7.82 -0.94
CA PRO A 230 5.44 6.96 -1.99
C PRO A 230 6.56 6.37 -2.80
N ILE A 231 6.39 5.12 -3.14
CA ILE A 231 7.22 4.43 -4.06
C ILE A 231 6.54 4.63 -5.41
N GLU A 232 7.27 5.04 -6.41
CA GLU A 232 6.68 5.42 -7.68
C GLU A 232 5.93 4.30 -8.42
N ASP A 233 6.45 3.07 -8.38
CA ASP A 233 5.75 1.95 -9.03
C ASP A 233 4.98 1.06 -8.04
N TRP A 234 4.55 1.60 -6.91
CA TRP A 234 3.93 0.74 -5.89
C TRP A 234 3.05 1.62 -4.99
N SER A 235 2.03 0.99 -4.40
CA SER A 235 0.97 1.68 -3.71
C SER A 235 1.17 1.90 -2.20
N SER A 236 1.87 0.97 -1.56
CA SER A 236 2.17 1.05 -0.14
C SER A 236 3.59 1.48 0.04
N THR A 237 3.91 1.88 1.26
CA THR A 237 5.22 2.43 1.56
C THR A 237 6.02 1.30 2.23
N PHE A 238 7.29 1.56 2.48
CA PHE A 238 8.12 0.53 3.11
C PHE A 238 7.59 0.27 4.52
N ARG A 239 7.30 1.36 5.20
CA ARG A 239 6.72 1.31 6.55
C ARG A 239 5.50 0.42 6.65
N GLN A 240 4.60 0.53 5.69
CA GLN A 240 3.37 -0.25 5.71
C GLN A 240 3.70 -1.72 5.46
N VAL A 241 4.58 -1.96 4.53
CA VAL A 241 5.02 -3.26 4.26
C VAL A 241 5.61 -3.90 5.51
N ALA A 242 6.50 -3.18 6.18
CA ALA A 242 7.11 -3.70 7.39
C ALA A 242 6.12 -3.88 8.58
N GLU A 243 5.17 -2.97 8.67
CA GLU A 243 4.15 -3.02 9.71
C GLU A 243 3.26 -4.26 9.50
N ARG A 244 3.00 -4.58 8.25
CA ARG A 244 2.20 -5.75 7.99
C ARG A 244 2.98 -7.05 8.23
N MET A 245 4.30 -7.04 7.97
CA MET A 245 5.14 -8.19 8.28
C MET A 245 5.18 -8.48 9.80
N GLN A 246 5.28 -7.41 10.56
CA GLN A 246 5.35 -7.48 11.98
C GLN A 246 4.05 -8.10 12.51
N LYS A 247 2.92 -7.78 11.91
CA LYS A 247 1.67 -8.43 12.34
C LYS A 247 1.66 -9.96 12.05
N MET A 248 2.31 -10.37 10.97
CA MET A 248 2.34 -11.76 10.56
C MET A 248 3.31 -12.60 11.36
N GLN A 249 4.20 -11.91 12.04
CA GLN A 249 5.20 -12.54 12.84
C GLN A 249 4.56 -13.28 14.00
N GLU A 250 3.53 -12.70 14.61
CA GLU A 250 2.77 -13.38 15.68
C GLU A 250 2.29 -14.78 15.29
N LYS A 251 2.09 -15.05 14.00
CA LYS A 251 1.79 -16.39 13.51
C LYS A 251 2.98 -16.96 12.79
N GLN A 252 4.16 -16.33 12.88
CA GLN A 252 5.39 -16.92 12.31
C GLN A 252 5.38 -17.06 10.81
N LYS A 253 4.63 -16.19 10.13
CA LYS A 253 4.64 -16.19 8.67
C LYS A 253 5.45 -15.03 8.08
N ALA A 254 5.87 -14.07 8.90
CA ALA A 254 6.90 -13.15 8.46
C ALA A 254 7.76 -12.80 9.63
N PHE A 255 8.97 -12.32 9.35
CA PHE A 255 9.84 -11.88 10.42
C PHE A 255 10.51 -10.55 10.11
N VAL A 256 10.58 -9.70 11.13
CA VAL A 256 11.27 -8.47 10.99
C VAL A 256 12.42 -8.47 11.98
N LEU A 257 13.64 -8.36 11.50
CA LEU A 257 14.84 -8.52 12.29
C LEU A 257 15.62 -7.26 12.25
N ASN A 258 15.33 -6.34 13.14
CA ASN A 258 15.75 -4.95 12.96
C ASN A 258 16.32 -4.31 14.23
N PRO A 259 17.48 -4.78 14.67
CA PRO A 259 18.11 -4.13 15.84
C PRO A 259 18.68 -2.75 15.53
N ALA A 260 18.68 -1.84 16.51
CA ALA A 260 19.36 -0.59 16.38
C ALA A 260 20.83 -0.83 16.62
N ILE A 261 21.67 -0.23 15.80
CA ILE A 261 23.13 -0.34 15.99
C ILE A 261 23.75 1.03 16.17
N GLY A 262 22.90 2.04 16.29
CA GLY A 262 23.33 3.45 16.34
C GLY A 262 23.80 4.04 15.00
N PRO A 263 23.95 5.36 14.90
CA PRO A 263 24.21 6.02 13.67
C PRO A 263 25.54 5.72 13.12
N GLU A 264 25.68 5.93 11.80
CA GLU A 264 26.96 5.73 11.14
C GLU A 264 27.87 6.88 11.47
N GLY A 265 29.17 6.60 11.51
CA GLY A 265 30.19 7.59 11.78
C GLY A 265 30.24 8.67 10.71
N LEU A 266 29.97 8.28 9.47
CA LEU A 266 29.74 9.25 8.38
C LEU A 266 28.25 9.09 8.14
N SER A 267 27.49 10.14 8.48
CA SER A 267 26.06 10.11 8.53
C SER A 267 25.47 9.50 7.24
N GLY A 268 24.73 8.41 7.42
CA GLY A 268 23.98 7.82 6.36
C GLY A 268 24.80 6.85 5.54
N SER A 269 26.06 6.69 5.90
CA SER A 269 26.87 5.82 5.09
C SER A 269 26.64 4.36 5.53
N SER A 270 25.52 3.75 5.11
CA SER A 270 25.14 2.44 5.62
C SER A 270 26.02 1.27 5.08
N ARG A 271 26.95 1.58 4.17
CA ARG A 271 27.92 0.56 3.74
C ARG A 271 28.89 0.13 4.88
N MET A 272 28.99 0.94 5.94
CA MET A 272 29.89 0.69 7.04
C MET A 272 29.25 -0.23 8.08
N LYS A 273 28.68 0.34 9.13
CA LYS A 273 28.10 -0.48 10.18
C LYS A 273 26.92 -1.28 9.67
N GLY A 274 26.04 -0.67 8.85
CA GLY A 274 24.95 -1.45 8.35
C GLY A 274 25.39 -2.69 7.57
N GLY A 275 26.40 -2.53 6.73
CA GLY A 275 26.92 -3.72 6.00
C GLY A 275 27.59 -4.76 6.94
N SER A 276 28.33 -4.26 7.89
CA SER A 276 28.97 -5.14 8.88
C SER A 276 27.96 -5.87 9.73
N ALA A 277 27.00 -5.14 10.28
CA ALA A 277 25.96 -5.76 11.07
C ALA A 277 25.10 -6.75 10.30
N THR A 278 24.91 -6.47 9.01
CA THR A 278 24.20 -7.41 8.17
C THR A 278 24.95 -8.81 8.17
N LYS A 279 26.24 -8.80 7.96
CA LYS A 279 26.98 -10.08 7.95
C LYS A 279 26.85 -10.70 9.33
N ILE A 280 27.21 -9.87 10.33
CA ILE A 280 27.25 -10.37 11.68
C ILE A 280 25.91 -11.03 11.98
N LEU A 281 24.85 -10.35 11.64
CA LEU A 281 23.56 -10.87 12.04
C LEU A 281 23.22 -12.15 11.30
N LEU A 282 23.46 -12.15 10.00
CA LEU A 282 22.88 -13.26 9.18
C LEU A 282 23.82 -14.54 9.12
N GLU A 283 25.10 -14.27 9.12
CA GLU A 283 26.04 -15.41 9.20
C GLU A 283 25.82 -16.21 10.48
N THR A 284 25.85 -15.50 11.61
CA THR A 284 25.44 -16.02 12.88
C THR A 284 24.25 -16.93 12.77
N LEU A 285 23.20 -16.37 12.22
CA LEU A 285 21.93 -17.03 12.24
C LEU A 285 21.93 -18.24 11.31
N LEU A 286 22.53 -18.07 10.14
CA LEU A 286 22.52 -19.14 9.17
C LEU A 286 23.44 -20.32 9.65
N LEU A 287 24.63 -19.99 10.09
CA LEU A 287 25.54 -21.00 10.62
C LEU A 287 24.87 -21.76 11.79
N ALA A 288 24.38 -21.04 12.79
CA ALA A 288 23.62 -21.69 13.82
C ALA A 288 22.65 -22.71 13.25
N ALA A 289 21.93 -22.32 12.19
CA ALA A 289 20.88 -23.19 11.70
C ALA A 289 21.47 -24.47 11.11
N HIS A 290 22.57 -24.28 10.39
CA HIS A 290 23.31 -25.39 9.84
C HIS A 290 23.90 -26.32 10.94
N LYS A 291 24.74 -25.78 11.82
CA LYS A 291 25.36 -26.67 12.80
C LYS A 291 24.25 -27.39 13.52
N THR A 292 23.21 -26.70 13.96
CA THR A 292 22.16 -27.39 14.70
C THR A 292 21.31 -28.34 13.89
N VAL A 293 21.19 -28.23 12.57
CA VAL A 293 20.36 -29.25 11.89
C VAL A 293 21.09 -30.59 11.92
N ASP A 294 22.41 -30.51 11.87
CA ASP A 294 23.23 -31.68 11.73
C ASP A 294 23.29 -32.37 13.08
N GLN A 295 23.31 -31.60 14.17
CA GLN A 295 23.22 -32.16 15.51
C GLN A 295 21.83 -32.64 15.85
N GLY A 296 20.86 -32.58 14.93
CA GLY A 296 19.42 -32.83 15.25
C GLY A 296 18.91 -32.17 16.53
N ILE A 297 19.26 -30.90 16.72
CA ILE A 297 18.93 -30.11 17.92
C ILE A 297 18.40 -28.75 17.45
N ALA A 298 17.38 -28.20 18.12
CA ALA A 298 16.88 -26.89 17.70
C ALA A 298 17.97 -25.82 17.94
N ALA A 299 18.06 -24.86 17.05
CA ALA A 299 18.84 -23.66 17.32
C ALA A 299 18.32 -22.95 18.59
N SER A 300 19.23 -22.27 19.26
CA SER A 300 18.94 -21.70 20.56
C SER A 300 19.76 -20.44 20.72
N GLN A 301 19.30 -19.60 21.63
CA GLN A 301 19.89 -18.30 21.86
C GLN A 301 21.33 -18.51 22.16
N ARG A 302 21.59 -19.59 22.90
CA ARG A 302 22.93 -19.93 23.29
C ARG A 302 23.73 -20.33 22.06
N CYS A 303 23.25 -21.14 21.13
CA CYS A 303 24.14 -21.31 19.92
C CYS A 303 24.48 -19.98 19.16
N LEU A 304 23.52 -19.06 19.08
CA LEU A 304 23.71 -17.74 18.41
C LEU A 304 24.76 -16.93 19.14
N LEU A 305 24.61 -16.84 20.46
CA LEU A 305 25.52 -16.04 21.30
C LEU A 305 27.00 -16.33 21.15
N GLU A 306 27.31 -17.62 20.94
CA GLU A 306 28.73 -18.06 20.84
C GLU A 306 29.33 -17.31 19.71
N ILE A 307 28.64 -17.47 18.56
CA ILE A 307 29.03 -16.84 17.31
C ILE A 307 29.02 -15.32 17.40
N LEU A 308 27.97 -14.75 18.00
CA LEU A 308 27.96 -13.28 18.15
C LEU A 308 29.20 -12.78 18.89
N ARG A 309 29.57 -13.49 19.95
CA ARG A 309 30.69 -13.08 20.82
C ARG A 309 32.03 -13.22 20.10
N THR A 310 32.13 -14.21 19.23
CA THR A 310 33.35 -14.37 18.36
C THR A 310 33.45 -13.12 17.47
N PHE A 311 32.30 -12.69 16.93
CA PHE A 311 32.34 -11.49 16.07
C PHE A 311 32.72 -10.29 16.86
N GLU A 312 32.26 -10.23 18.10
CA GLU A 312 32.61 -9.09 18.96
C GLU A 312 34.12 -9.09 19.34
N ARG A 313 34.69 -10.29 19.49
CA ARG A 313 36.16 -10.39 19.70
C ARG A 313 36.82 -9.85 18.44
N ALA A 314 36.21 -10.18 17.30
CA ALA A 314 36.80 -9.78 16.02
C ALA A 314 36.97 -8.24 15.87
N HIS A 315 36.09 -7.45 16.47
CA HIS A 315 36.27 -6.00 16.48
C HIS A 315 37.47 -5.62 17.32
N GLN A 316 37.57 -6.30 18.44
CA GLN A 316 38.63 -6.02 19.39
C GLN A 316 40.02 -6.34 18.80
N VAL A 317 40.10 -7.54 18.29
CA VAL A 317 41.25 -8.03 17.59
C VAL A 317 41.62 -7.06 16.47
N THR A 318 40.67 -6.81 15.56
CA THR A 318 40.91 -5.92 14.41
C THR A 318 41.38 -4.54 14.83
N TYR A 319 40.70 -3.91 15.78
CA TYR A 319 41.12 -2.56 16.18
C TYR A 319 42.28 -2.56 17.19
N SER A 320 42.78 -3.74 17.59
CA SER A 320 44.09 -3.82 18.30
C SER A 320 45.22 -3.24 17.45
N GLN A 321 45.06 -3.31 16.12
CA GLN A 321 46.05 -2.77 15.19
C GLN A 321 45.81 -1.33 14.77
N SER A 322 45.20 -0.53 15.64
CA SER A 322 44.78 0.81 15.22
C SER A 322 45.90 1.70 14.64
N PRO A 323 47.02 1.85 15.37
CA PRO A 323 48.16 2.65 14.88
C PRO A 323 48.59 2.31 13.44
N LYS A 324 48.63 1.02 13.11
CA LYS A 324 49.04 0.59 11.77
C LYS A 324 47.91 0.88 10.77
N ILE A 325 46.66 0.87 11.26
CA ILE A 325 45.51 1.26 10.45
C ILE A 325 45.62 2.74 10.14
N ALA A 326 45.80 3.59 11.15
CA ALA A 326 46.00 5.04 10.88
C ALA A 326 47.14 5.38 9.88
N THR A 327 48.22 4.57 9.90
CA THR A 327 49.41 4.85 9.07
C THR A 327 49.06 4.64 7.60
N LEU A 328 48.49 3.48 7.33
CA LEU A 328 48.04 3.12 6.03
C LEU A 328 47.03 4.16 5.59
N MET A 329 46.23 4.66 6.53
CA MET A 329 45.33 5.75 6.21
C MET A 329 46.14 6.92 5.71
N LYS A 330 47.15 7.35 6.47
CA LYS A 330 47.95 8.51 6.01
C LYS A 330 48.44 8.30 4.58
N SER A 331 48.94 7.12 4.25
CA SER A 331 49.54 6.86 2.92
C SER A 331 48.51 6.76 1.77
N VAL A 332 47.28 6.39 2.13
CA VAL A 332 46.17 6.41 1.18
C VAL A 332 45.78 7.87 0.92
N SER A 333 45.76 8.66 1.98
CA SER A 333 45.32 10.03 1.88
C SER A 333 46.33 10.89 1.10
N THR A 334 47.61 10.57 1.27
CA THR A 334 48.71 11.36 0.70
C THR A 334 48.66 11.21 -0.80
N SER A 335 48.70 9.96 -1.22
CA SER A 335 48.63 9.59 -2.63
C SER A 335 47.42 10.18 -3.38
N LEU A 336 46.32 10.42 -2.65
CA LEU A 336 45.13 11.05 -3.23
C LEU A 336 45.19 12.55 -3.20
N GLU A 337 45.83 13.13 -2.19
CA GLU A 337 46.06 14.60 -2.17
C GLU A 337 47.03 15.04 -3.28
N LYS A 338 47.85 14.11 -3.76
CA LYS A 338 48.83 14.39 -4.82
C LYS A 338 48.31 13.92 -6.19
N LYS A 339 47.03 13.57 -6.28
CA LYS A 339 46.41 13.12 -7.53
C LYS A 339 47.00 11.77 -8.03
N GLY A 340 47.53 10.99 -7.09
CA GLY A 340 47.91 9.62 -7.38
C GLY A 340 46.80 8.63 -7.11
N HIS A 341 47.07 7.34 -7.30
CA HIS A 341 46.05 6.31 -7.17
C HIS A 341 46.41 5.25 -6.11
N VAL A 342 45.38 4.52 -5.67
CA VAL A 342 45.49 3.55 -4.59
C VAL A 342 44.92 2.22 -5.06
N TYR A 343 45.71 1.17 -4.83
CA TYR A 343 45.39 -0.14 -5.36
C TYR A 343 45.26 -1.14 -4.18
N LEU A 344 44.36 -2.10 -4.33
CA LEU A 344 43.90 -2.96 -3.28
C LEU A 344 43.90 -4.34 -3.87
N VAL A 345 44.87 -5.13 -3.42
CA VAL A 345 45.15 -6.38 -4.07
C VAL A 345 45.01 -7.47 -3.04
N GLY A 346 44.17 -8.45 -3.32
CA GLY A 346 43.87 -9.39 -2.27
C GLY A 346 43.36 -10.62 -2.92
N TRP A 347 43.31 -11.71 -2.16
CA TRP A 347 43.08 -13.02 -2.73
C TRP A 347 41.78 -13.59 -2.22
N GLN A 348 41.20 -14.46 -3.02
CA GLN A 348 39.85 -14.98 -2.84
C GLN A 348 38.89 -13.87 -2.30
N THR A 349 37.98 -14.29 -1.42
CA THR A 349 36.94 -13.45 -0.93
C THR A 349 37.41 -12.11 -0.40
N LEU A 350 38.65 -12.01 0.04
CA LEU A 350 39.13 -10.71 0.48
C LEU A 350 39.49 -9.82 -0.64
N GLY A 351 39.87 -10.40 -1.77
CA GLY A 351 40.01 -9.60 -2.97
C GLY A 351 38.67 -8.94 -3.29
N ILE A 352 37.60 -9.75 -3.30
CA ILE A 352 36.25 -9.28 -3.64
C ILE A 352 35.85 -8.10 -2.75
N ILE A 353 36.01 -8.27 -1.44
CA ILE A 353 35.72 -7.18 -0.48
C ILE A 353 36.53 -5.97 -0.82
N ALA A 354 37.80 -6.16 -1.23
CA ALA A 354 38.65 -5.02 -1.71
C ALA A 354 37.97 -4.18 -2.82
N ILE A 355 37.34 -4.90 -3.74
CA ILE A 355 36.84 -4.31 -4.93
C ILE A 355 35.54 -3.59 -4.54
N MET A 356 34.78 -4.17 -3.63
CA MET A 356 33.61 -3.55 -3.09
C MET A 356 33.99 -2.24 -2.48
N ASP A 357 34.99 -2.20 -1.62
CA ASP A 357 35.33 -0.93 -0.98
C ASP A 357 35.66 0.16 -1.98
N GLY A 358 36.52 -0.14 -2.95
CA GLY A 358 36.94 0.88 -3.95
C GLY A 358 35.80 1.48 -4.82
N VAL A 359 35.00 0.64 -5.41
CA VAL A 359 33.79 1.04 -6.10
C VAL A 359 32.89 1.97 -5.24
N GLU A 360 32.76 1.65 -3.95
CA GLU A 360 31.83 2.39 -3.08
C GLU A 360 32.33 3.78 -2.88
N CYS A 361 33.64 3.99 -3.02
CA CYS A 361 34.19 5.35 -2.87
C CYS A 361 33.69 6.33 -3.97
N ILE A 362 33.28 5.75 -5.10
CA ILE A 362 32.79 6.54 -6.25
C ILE A 362 31.54 7.36 -5.86
N HIS A 363 30.49 6.66 -5.46
CA HIS A 363 29.29 7.34 -5.02
C HIS A 363 29.52 7.95 -3.63
N THR A 364 30.21 7.28 -2.71
CA THR A 364 30.30 7.85 -1.36
C THR A 364 31.06 9.16 -1.36
N PHE A 365 32.12 9.24 -2.14
CA PHE A 365 33.01 10.40 -2.05
C PHE A 365 33.15 11.25 -3.33
N GLY A 366 32.47 10.87 -4.39
CA GLY A 366 32.61 11.56 -5.66
C GLY A 366 33.97 11.28 -6.27
N ALA A 367 34.42 10.03 -6.14
CA ALA A 367 35.80 9.68 -6.45
C ALA A 367 35.84 8.96 -7.79
N ASP A 368 37.01 9.02 -8.45
CA ASP A 368 37.23 8.32 -9.69
C ASP A 368 37.36 6.80 -9.42
N PHE A 369 36.90 5.94 -10.32
CA PHE A 369 37.14 4.48 -10.22
C PHE A 369 38.58 4.06 -10.00
N ARG A 370 39.50 4.90 -10.48
CA ARG A 370 40.93 4.66 -10.35
C ARG A 370 41.47 5.16 -9.01
N ASP A 371 40.73 6.02 -8.30
CA ASP A 371 41.25 6.64 -7.06
C ASP A 371 41.53 5.63 -5.92
N VAL A 372 40.69 4.61 -5.84
CA VAL A 372 40.82 3.53 -4.88
C VAL A 372 40.17 2.31 -5.51
N ARG A 373 41.01 1.44 -6.06
CA ARG A 373 40.48 0.31 -6.82
C ARG A 373 40.96 -1.03 -6.27
N GLY A 374 40.11 -2.04 -6.45
CA GLY A 374 40.30 -3.35 -5.86
C GLY A 374 40.52 -4.39 -6.94
N PHE A 375 41.21 -5.46 -6.57
CA PHE A 375 41.66 -6.49 -7.50
C PHE A 375 41.59 -7.87 -6.84
N LEU A 376 41.04 -8.86 -7.54
CA LEU A 376 41.12 -10.27 -7.08
C LEU A 376 42.12 -11.10 -7.93
N ILE A 377 42.96 -11.88 -7.23
CA ILE A 377 43.80 -12.90 -7.87
C ILE A 377 43.38 -14.31 -7.46
N PHE A 397 38.58 -6.29 -13.00
CA PHE A 397 38.51 -6.58 -11.53
C PHE A 397 39.13 -7.94 -11.11
N THR A 398 38.83 -9.01 -11.84
CA THR A 398 39.42 -10.32 -11.57
C THR A 398 40.68 -10.56 -12.45
N PHE A 399 41.82 -9.95 -12.10
CA PHE A 399 43.02 -9.99 -12.95
C PHE A 399 44.14 -10.86 -12.37
N SER A 400 44.37 -12.03 -12.98
CA SER A 400 45.33 -13.03 -12.48
C SER A 400 46.81 -12.57 -12.56
N GLN A 401 47.72 -13.41 -12.05
CA GLN A 401 49.08 -12.95 -11.67
C GLN A 401 49.86 -12.20 -12.74
N GLU A 402 50.11 -12.89 -13.86
CA GLU A 402 50.89 -12.33 -14.95
C GLU A 402 50.04 -11.25 -15.62
N ASP A 403 48.75 -11.51 -15.86
CA ASP A 403 47.82 -10.51 -16.45
C ASP A 403 47.90 -9.15 -15.73
N PHE A 404 47.91 -9.19 -14.40
CA PHE A 404 48.03 -7.99 -13.57
C PHE A 404 49.46 -7.42 -13.65
N LEU A 405 50.44 -8.31 -13.65
CA LEU A 405 51.84 -7.90 -13.82
C LEU A 405 52.07 -7.17 -15.14
N THR A 406 51.52 -7.68 -16.25
CA THR A 406 51.81 -7.11 -17.58
C THR A 406 51.12 -5.77 -17.77
N SER A 407 49.81 -5.71 -17.47
CA SER A 407 48.96 -4.54 -17.77
C SER A 407 48.87 -3.48 -16.65
N ILE A 408 48.46 -3.87 -15.44
CA ILE A 408 48.29 -2.87 -14.38
C ILE A 408 49.66 -2.39 -13.87
N LEU A 409 50.55 -3.34 -13.59
CA LEU A 409 51.89 -3.02 -13.05
C LEU A 409 52.68 -1.88 -13.76
N PRO A 410 52.67 -1.81 -15.13
CA PRO A 410 53.28 -0.68 -15.88
C PRO A 410 52.93 0.74 -15.43
N SER A 411 51.69 0.96 -15.03
CA SER A 411 51.15 2.32 -14.79
C SER A 411 51.32 2.89 -13.36
N LEU A 412 52.24 2.36 -12.54
CA LEU A 412 52.34 2.72 -11.13
C LEU A 412 53.15 3.99 -10.95
N THR A 413 53.62 4.36 -9.76
CA THR A 413 54.32 5.64 -9.62
C THR A 413 54.73 5.96 -8.20
N GLU A 414 55.86 6.65 -8.05
CA GLU A 414 56.41 7.07 -6.73
C GLU A 414 55.35 7.30 -5.65
N ILE A 415 54.33 8.09 -6.00
CA ILE A 415 53.28 8.57 -5.06
C ILE A 415 52.07 7.66 -4.87
N ASP A 416 51.90 6.63 -5.69
CA ASP A 416 50.79 5.70 -5.55
C ASP A 416 50.91 4.92 -4.21
N THR A 417 49.86 4.12 -3.89
CA THR A 417 49.91 3.19 -2.76
C THR A 417 49.35 1.85 -3.21
N VAL A 418 50.07 0.79 -2.86
CA VAL A 418 49.54 -0.56 -3.13
C VAL A 418 49.43 -1.36 -1.83
N VAL A 419 48.31 -2.09 -1.72
CA VAL A 419 47.90 -2.70 -0.47
C VAL A 419 47.60 -4.16 -0.72
N PHE A 420 48.31 -5.00 0.04
CA PHE A 420 48.21 -6.43 -0.14
C PHE A 420 47.43 -7.04 1.02
N ILE A 421 46.48 -7.88 0.68
CA ILE A 421 45.51 -8.41 1.59
C ILE A 421 45.30 -9.89 1.33
N PHE A 422 45.71 -10.70 2.30
CA PHE A 422 45.73 -12.16 2.10
C PHE A 422 45.83 -12.87 3.46
N THR A 423 45.56 -14.15 3.44
CA THR A 423 45.84 -15.00 4.60
C THR A 423 47.11 -15.78 4.32
N LEU A 424 47.64 -16.43 5.34
CA LEU A 424 48.81 -17.27 5.19
C LEU A 424 48.44 -18.63 4.63
N ASP A 425 47.16 -18.88 4.39
CA ASP A 425 46.76 -20.09 3.64
C ASP A 425 46.63 -19.80 2.15
N ASP A 426 47.09 -18.63 1.72
CA ASP A 426 47.01 -18.25 0.31
C ASP A 426 48.26 -18.74 -0.45
N ASN A 427 48.24 -18.57 -1.77
CA ASN A 427 49.42 -18.79 -2.60
C ASN A 427 50.47 -17.67 -2.33
N LEU A 428 51.21 -17.87 -1.25
CA LEU A 428 52.24 -16.89 -0.86
C LEU A 428 53.41 -16.75 -1.84
N THR A 429 53.51 -17.67 -2.81
CA THR A 429 54.47 -17.53 -3.95
C THR A 429 53.93 -16.60 -5.05
N GLU A 430 52.61 -16.56 -5.20
CA GLU A 430 51.98 -15.58 -6.09
C GLU A 430 52.20 -14.23 -5.43
N VAL A 431 51.93 -14.18 -4.12
CA VAL A 431 51.97 -12.95 -3.35
C VAL A 431 53.35 -12.29 -3.46
N GLN A 432 54.38 -12.96 -2.97
CA GLN A 432 55.72 -12.33 -2.89
C GLN A 432 56.24 -11.82 -4.24
N THR A 433 55.97 -12.58 -5.31
CA THR A 433 56.34 -12.20 -6.69
C THR A 433 55.80 -10.84 -7.03
N ILE A 434 54.48 -10.72 -6.97
CA ILE A 434 53.72 -9.54 -7.42
C ILE A 434 54.13 -8.37 -6.58
N VAL A 435 54.49 -8.62 -5.32
CA VAL A 435 54.98 -7.57 -4.41
C VAL A 435 56.36 -7.13 -4.83
N GLU A 436 57.17 -8.14 -5.19
CA GLU A 436 58.54 -7.88 -5.69
C GLU A 436 58.54 -6.85 -6.83
N GLN A 437 57.73 -7.09 -7.85
CA GLN A 437 57.65 -6.16 -9.00
C GLN A 437 57.24 -4.76 -8.55
N VAL A 438 56.10 -4.69 -7.84
CA VAL A 438 55.52 -3.40 -7.36
C VAL A 438 56.49 -2.58 -6.51
N LYS A 439 57.32 -3.27 -5.73
CA LYS A 439 58.27 -2.60 -4.82
C LYS A 439 59.20 -1.64 -5.56
N GLU A 440 59.60 -2.01 -6.77
CA GLU A 440 60.43 -1.10 -7.58
C GLU A 440 59.64 0.12 -7.97
N LYS A 441 58.50 -0.12 -8.63
CA LYS A 441 57.65 0.98 -9.11
C LYS A 441 57.09 1.87 -7.99
N THR A 442 56.70 1.29 -6.86
CA THR A 442 56.41 2.09 -5.64
C THR A 442 57.00 1.48 -4.38
N ASN A 443 57.42 2.36 -3.46
CA ASN A 443 57.75 2.03 -2.06
C ASN A 443 56.57 2.04 -1.02
N HIS A 444 55.57 2.92 -1.18
CA HIS A 444 54.38 2.90 -0.30
C HIS A 444 53.56 1.63 -0.49
N ILE A 445 54.14 0.49 -0.18
CA ILE A 445 53.38 -0.74 -0.11
C ILE A 445 53.08 -0.96 1.39
N GLN A 446 52.15 -1.85 1.70
CA GLN A 446 51.64 -2.07 3.06
C GLN A 446 50.85 -3.32 2.85
N ALA A 447 50.69 -4.13 3.89
CA ALA A 447 49.90 -5.36 3.75
C ALA A 447 49.01 -5.60 4.95
N LEU A 448 48.00 -6.45 4.74
CA LEU A 448 47.05 -6.86 5.76
C LEU A 448 46.94 -8.37 5.68
N ALA A 449 47.51 -9.03 6.70
CA ALA A 449 47.65 -10.49 6.68
C ALA A 449 47.05 -11.16 7.90
N HIS A 450 46.27 -12.20 7.63
CA HIS A 450 45.51 -12.90 8.64
C HIS A 450 46.13 -14.27 8.86
N SER A 451 46.43 -14.58 10.12
CA SER A 451 47.06 -15.86 10.48
C SER A 451 46.33 -16.47 11.67
N THR A 452 46.23 -17.80 11.71
CA THR A 452 46.09 -18.51 13.00
C THR A 452 47.44 -18.36 13.75
N VAL A 453 47.41 -18.31 15.09
CA VAL A 453 48.65 -18.19 15.92
C VAL A 453 49.67 -19.29 15.62
N GLY A 454 50.94 -18.91 15.49
CA GLY A 454 52.01 -19.88 15.21
C GLY A 454 52.16 -20.27 13.75
N GLN A 455 51.53 -19.51 12.86
CA GLN A 455 51.85 -19.58 11.44
C GLN A 455 52.86 -18.49 11.26
N THR A 456 53.79 -18.66 10.32
CA THR A 456 54.88 -17.68 10.19
C THR A 456 54.98 -17.18 8.78
N LEU A 457 55.43 -15.94 8.67
CA LEU A 457 55.55 -15.24 7.41
C LEU A 457 56.91 -15.49 6.71
N PRO A 458 56.96 -16.40 5.68
CA PRO A 458 58.13 -16.50 4.81
C PRO A 458 58.99 -15.24 4.74
N ILE A 459 60.24 -15.38 5.15
CA ILE A 459 61.17 -14.25 5.46
C ILE A 459 61.43 -13.23 4.31
N PRO A 460 61.30 -13.67 3.03
CA PRO A 460 61.28 -12.68 1.95
C PRO A 460 60.13 -11.70 2.11
N LEU A 461 58.89 -12.21 2.05
CA LEU A 461 57.68 -11.41 2.28
C LEU A 461 57.82 -10.53 3.51
N LYS A 462 58.30 -11.14 4.59
CA LYS A 462 58.51 -10.45 5.85
C LYS A 462 59.41 -9.21 5.64
N LYS A 463 60.51 -9.38 4.91
CA LYS A 463 61.46 -8.28 4.74
C LYS A 463 60.86 -7.12 3.95
N LEU A 464 59.96 -7.46 3.02
CA LEU A 464 59.25 -6.47 2.16
C LEU A 464 58.24 -5.54 2.89
N PHE A 465 57.96 -5.75 4.19
CA PHE A 465 57.02 -4.88 4.92
C PHE A 465 57.53 -4.45 6.30
N PRO A 466 57.72 -3.13 6.51
CA PRO A 466 58.38 -2.65 7.74
C PRO A 466 57.51 -2.60 8.99
N SER A 467 56.21 -2.33 8.83
CA SER A 467 55.30 -2.19 9.99
C SER A 467 54.02 -3.02 9.86
N ILE A 468 54.07 -4.03 8.98
CA ILE A 468 52.93 -4.84 8.55
C ILE A 468 51.73 -4.97 9.53
N ILE A 469 50.49 -4.88 8.98
CA ILE A 469 49.25 -5.07 9.72
C ILE A 469 48.92 -6.54 9.69
N SER A 470 49.47 -7.25 10.68
CA SER A 470 49.20 -8.66 10.81
C SER A 470 48.10 -8.75 11.87
N ILE A 471 47.18 -9.68 11.64
CA ILE A 471 46.10 -9.88 12.55
C ILE A 471 46.12 -11.37 12.78
N THR A 472 46.41 -11.77 14.01
CA THR A 472 46.50 -13.19 14.33
C THR A 472 45.29 -13.61 15.11
N TRP A 473 44.67 -14.71 14.70
CA TRP A 473 43.46 -15.24 15.32
C TRP A 473 43.76 -16.46 16.22
N PRO A 474 43.26 -16.46 17.47
CA PRO A 474 43.28 -17.65 18.29
C PRO A 474 42.82 -18.87 17.51
N LEU A 475 43.05 -20.06 18.05
CA LEU A 475 42.39 -21.28 17.55
C LEU A 475 40.93 -21.32 18.06
N LEU A 476 40.00 -21.80 17.23
CA LEU A 476 38.63 -22.05 17.65
C LEU A 476 38.19 -23.41 17.08
N PHE A 477 37.44 -24.17 17.87
CA PHE A 477 36.93 -25.46 17.40
C PHE A 477 35.86 -25.23 16.31
N PHE A 478 36.19 -25.65 15.09
CA PHE A 478 35.31 -25.46 13.96
C PHE A 478 34.73 -26.78 13.46
N GLU A 479 33.42 -26.77 13.24
CA GLU A 479 32.63 -27.97 12.96
C GLU A 479 32.89 -28.42 11.53
N TYR A 480 32.74 -27.48 10.57
CA TYR A 480 32.76 -27.80 9.15
C TYR A 480 34.09 -27.75 8.40
N GLU A 481 34.10 -28.57 7.34
CA GLU A 481 35.12 -28.63 6.29
C GLU A 481 35.94 -27.34 6.11
N GLY A 482 35.32 -26.28 5.57
CA GLY A 482 36.05 -25.07 5.13
C GLY A 482 36.26 -23.94 6.16
N ASN A 483 36.11 -24.27 7.45
CA ASN A 483 36.23 -23.32 8.57
C ASN A 483 35.48 -21.98 8.33
N PHE A 484 34.19 -22.11 8.12
CA PHE A 484 33.40 -20.96 7.69
C PHE A 484 33.46 -19.83 8.71
N ILE A 485 33.49 -20.15 10.01
CA ILE A 485 33.67 -19.15 11.08
C ILE A 485 34.97 -18.37 10.99
N GLN A 486 36.04 -19.01 10.53
CA GLN A 486 37.28 -18.25 10.29
C GLN A 486 37.15 -17.29 9.06
N LYS A 487 36.38 -17.73 8.08
CA LYS A 487 36.21 -16.95 6.88
C LYS A 487 35.46 -15.66 7.30
N PHE A 488 34.32 -15.84 7.98
CA PHE A 488 33.48 -14.72 8.39
C PHE A 488 34.26 -13.73 9.22
N GLN A 489 35.08 -14.19 10.16
CA GLN A 489 35.91 -13.26 10.97
C GLN A 489 36.84 -12.43 10.14
N ARG A 490 37.49 -13.07 9.18
CA ARG A 490 38.48 -12.36 8.38
C ARG A 490 37.83 -11.37 7.36
N GLU A 491 36.84 -11.85 6.61
CA GLU A 491 36.07 -10.96 5.75
C GLU A 491 35.65 -9.74 6.57
N LEU A 492 34.98 -9.99 7.70
CA LEU A 492 34.49 -8.83 8.49
C LEU A 492 35.61 -7.88 8.92
N SER A 493 36.72 -8.45 9.38
CA SER A 493 37.83 -7.62 9.91
C SER A 493 38.46 -6.78 8.78
N THR A 494 38.62 -7.42 7.62
CA THR A 494 39.11 -6.70 6.41
C THR A 494 38.15 -5.54 6.00
N LYS A 495 36.86 -5.87 6.01
CA LYS A 495 35.84 -4.84 5.72
C LYS A 495 36.04 -3.68 6.63
N TRP A 496 36.09 -3.92 7.94
CA TRP A 496 36.33 -2.81 8.87
C TRP A 496 37.58 -2.07 8.58
N VAL A 497 38.64 -2.79 8.20
CA VAL A 497 39.91 -2.06 8.03
C VAL A 497 39.85 -1.19 6.78
N LEU A 498 39.47 -1.82 5.69
CA LEU A 498 39.32 -1.10 4.40
C LEU A 498 38.34 0.08 4.44
N ASN A 499 37.13 -0.13 5.02
CA ASN A 499 36.11 0.94 5.21
C ASN A 499 36.70 2.07 6.01
N THR A 500 37.38 1.75 7.12
CA THR A 500 37.89 2.81 7.94
C THR A 500 39.02 3.58 7.26
N VAL A 501 39.79 2.87 6.45
CA VAL A 501 40.87 3.50 5.67
C VAL A 501 40.26 4.36 4.54
N SER A 502 39.44 3.76 3.69
CA SER A 502 38.94 4.51 2.52
C SER A 502 38.20 5.73 3.01
N THR A 503 37.33 5.54 4.00
CA THR A 503 36.57 6.66 4.57
C THR A 503 37.46 7.70 5.25
N GLY A 504 38.42 7.28 6.06
CA GLY A 504 39.26 8.29 6.74
C GLY A 504 40.16 9.01 5.75
N ALA A 505 40.64 8.28 4.74
CA ALA A 505 41.52 8.92 3.73
C ALA A 505 40.84 10.19 3.20
N HIS A 506 39.54 10.06 2.86
CA HIS A 506 38.77 11.17 2.29
C HIS A 506 38.37 12.22 3.25
N VAL A 507 38.20 11.86 4.52
CA VAL A 507 37.87 12.87 5.49
C VAL A 507 39.06 13.80 5.66
N LEU A 508 40.25 13.21 5.72
CA LEU A 508 41.48 13.97 5.89
C LEU A 508 41.66 15.07 4.83
N LEU A 509 41.11 14.84 3.64
CA LEU A 509 41.22 15.80 2.55
C LEU A 509 40.21 16.87 2.66
N GLY A 510 39.49 16.94 3.79
CA GLY A 510 38.55 18.07 4.05
C GLY A 510 37.23 18.02 3.26
N LYS A 511 36.94 16.85 2.70
CA LYS A 511 35.78 16.65 1.84
C LYS A 511 34.46 16.31 2.55
N ILE A 512 34.48 16.23 3.88
CA ILE A 512 33.30 15.94 4.70
C ILE A 512 33.04 17.16 5.57
N LEU A 513 31.77 17.51 5.74
CA LEU A 513 31.37 18.58 6.63
C LEU A 513 30.85 18.06 7.98
N GLN A 514 31.59 18.33 9.05
CA GLN A 514 31.36 17.69 10.36
C GLN A 514 31.36 16.14 10.24
N ASN A 515 30.18 15.53 10.18
CA ASN A 515 30.08 14.11 9.84
C ASN A 515 29.02 13.84 8.78
N HIS A 516 28.92 14.79 7.86
CA HIS A 516 28.10 14.66 6.66
C HIS A 516 28.91 14.81 5.39
N MET A 517 28.57 14.01 4.39
CA MET A 517 28.99 14.26 3.04
C MET A 517 27.95 15.18 2.36
N LEU A 518 28.20 16.48 2.46
CA LEU A 518 27.36 17.49 1.81
C LEU A 518 27.27 17.35 0.33
N ASP A 519 28.43 17.15 -0.31
CA ASP A 519 28.52 17.22 -1.77
C ASP A 519 28.37 15.87 -2.39
N LEU A 520 27.23 15.24 -2.18
CA LEU A 520 26.94 13.95 -2.82
C LEU A 520 26.17 14.11 -4.10
N ARG A 521 26.24 13.07 -4.92
CA ARG A 521 25.52 12.97 -6.17
C ARG A 521 24.16 12.39 -5.87
N ILE A 522 23.10 13.11 -6.20
CA ILE A 522 21.78 12.63 -6.00
C ILE A 522 21.42 11.56 -7.05
N SER A 523 21.52 10.27 -6.68
CA SER A 523 21.24 9.20 -7.63
C SER A 523 20.07 8.29 -7.32
N ASN A 524 19.37 8.57 -6.23
CA ASN A 524 18.16 7.83 -5.90
C ASN A 524 17.31 8.65 -4.98
N SER A 525 16.15 8.14 -4.67
CA SER A 525 15.23 8.93 -3.90
C SER A 525 15.72 9.15 -2.47
N LYS A 526 16.35 8.15 -1.88
CA LYS A 526 16.90 8.32 -0.51
C LYS A 526 17.90 9.45 -0.42
N LEU A 527 18.82 9.48 -1.38
CA LEU A 527 19.81 10.49 -1.47
C LEU A 527 19.17 11.90 -1.75
N PHE A 528 18.07 11.95 -2.48
CA PHE A 528 17.36 13.19 -2.61
C PHE A 528 16.90 13.70 -1.25
N TRP A 529 16.31 12.82 -0.44
CA TRP A 529 15.86 13.18 0.90
C TRP A 529 16.97 13.56 1.80
N ARG A 530 18.12 12.86 1.68
CA ARG A 530 19.27 13.16 2.51
C ARG A 530 19.75 14.56 2.16
N ALA A 531 19.73 14.90 0.87
CA ALA A 531 20.14 16.28 0.47
C ALA A 531 19.23 17.34 1.06
N LEU A 532 17.94 17.10 0.93
CA LEU A 532 16.97 18.03 1.49
C LEU A 532 17.14 18.15 2.99
N ALA A 533 17.24 17.04 3.71
CA ALA A 533 17.52 17.12 5.16
C ALA A 533 18.79 17.91 5.51
N MET A 534 19.85 17.67 4.76
CA MET A 534 21.08 18.39 5.01
C MET A 534 20.91 19.91 4.74
N LEU A 535 20.13 20.29 3.73
CA LEU A 535 19.86 21.70 3.48
C LEU A 535 19.14 22.36 4.66
N GLN A 536 18.08 21.71 5.15
CA GLN A 536 17.45 22.18 6.38
C GLN A 536 18.45 22.28 7.56
N ARG A 537 19.33 21.29 7.70
CA ARG A 537 20.24 21.22 8.83
C ARG A 537 21.25 22.38 8.78
N PHE A 538 21.92 22.56 7.68
CA PHE A 538 22.97 23.53 7.57
C PHE A 538 22.50 24.96 7.28
N SER A 539 21.31 25.15 6.73
CA SER A 539 20.80 26.51 6.49
C SER A 539 19.95 27.01 7.63
N GLY A 540 19.07 26.14 8.14
CA GLY A 540 18.19 26.46 9.26
C GLY A 540 16.88 27.03 8.74
N GLN A 541 16.73 27.11 7.42
CA GLN A 541 15.64 27.85 6.79
C GLN A 541 14.55 26.89 6.46
N SER A 542 13.42 27.40 5.98
CA SER A 542 12.22 26.60 5.99
C SER A 542 12.33 25.45 5.02
N LYS A 543 11.35 24.56 5.13
CA LYS A 543 11.18 23.40 4.31
C LYS A 543 10.97 23.85 2.88
N ALA A 544 9.98 24.72 2.70
CA ALA A 544 9.58 25.23 1.36
C ALA A 544 10.75 25.90 0.64
N ARG A 545 11.54 26.65 1.38
CA ARG A 545 12.73 27.27 0.78
C ARG A 545 13.83 26.25 0.43
N CYS A 546 14.00 25.25 1.29
CA CYS A 546 15.03 24.25 1.03
C CYS A 546 14.66 23.48 -0.19
N ILE A 547 13.39 23.10 -0.27
CA ILE A 547 12.89 22.36 -1.40
C ILE A 547 13.05 23.17 -2.66
N GLU A 548 12.72 24.45 -2.60
CA GLU A 548 12.83 25.29 -3.80
C GLU A 548 14.26 25.48 -4.23
N SER A 549 15.12 25.80 -3.30
CA SER A 549 16.49 25.94 -3.69
C SER A 549 17.07 24.63 -4.33
N LEU A 550 16.70 23.47 -3.77
CA LEU A 550 17.17 22.16 -4.29
C LEU A 550 16.67 21.91 -5.69
N LEU A 551 15.39 22.14 -5.94
CA LEU A 551 14.84 21.91 -7.26
C LEU A 551 15.41 22.90 -8.26
N ARG A 552 15.64 24.12 -7.82
CA ARG A 552 16.19 25.15 -8.72
C ARG A 552 17.59 24.75 -9.13
N ALA A 553 18.38 24.32 -8.14
CA ALA A 553 19.79 23.94 -8.40
C ALA A 553 19.80 22.70 -9.28
N ILE A 554 18.87 21.80 -9.06
CA ILE A 554 18.83 20.62 -9.91
C ILE A 554 18.52 20.92 -11.34
N HIS A 555 17.42 21.63 -11.55
CA HIS A 555 16.92 21.84 -12.91
C HIS A 555 17.44 23.06 -13.67
N PHE A 556 18.15 23.94 -12.99
CA PHE A 556 18.85 25.06 -13.64
C PHE A 556 19.50 24.55 -14.87
N PRO A 557 19.41 25.28 -16.00
CA PRO A 557 18.84 26.62 -16.20
C PRO A 557 17.30 26.75 -16.35
N GLN A 558 16.57 25.63 -16.30
CA GLN A 558 15.12 25.71 -16.32
C GLN A 558 14.62 26.30 -14.99
N PRO A 559 13.68 27.27 -15.06
CA PRO A 559 13.06 27.79 -13.84
C PRO A 559 12.03 26.80 -13.32
N LEU A 560 11.66 26.94 -12.05
CA LEU A 560 10.52 26.23 -11.46
C LEU A 560 9.14 26.43 -12.14
N SER A 561 8.57 25.36 -12.66
CA SER A 561 7.25 25.40 -13.22
C SER A 561 6.43 24.58 -12.28
N ASP A 562 5.13 24.57 -12.49
CA ASP A 562 4.28 23.80 -11.64
C ASP A 562 4.51 22.30 -11.99
N ASP A 563 4.90 21.98 -13.22
CA ASP A 563 5.11 20.59 -13.62
C ASP A 563 6.30 20.05 -12.78
N ILE A 564 7.40 20.80 -12.77
CA ILE A 564 8.60 20.43 -12.05
C ILE A 564 8.24 20.31 -10.63
N ARG A 565 7.47 21.24 -10.11
CA ARG A 565 7.11 21.13 -8.70
C ARG A 565 6.29 19.85 -8.39
N ALA A 566 5.52 19.41 -9.38
CA ALA A 566 4.62 18.29 -9.17
C ALA A 566 5.26 16.99 -9.61
N ALA A 567 6.48 17.04 -10.11
CA ALA A 567 7.07 15.89 -10.72
C ALA A 567 7.26 14.76 -9.67
N PRO A 568 7.25 13.51 -10.14
CA PRO A 568 7.71 12.49 -9.20
C PRO A 568 9.20 12.67 -8.96
N ILE A 569 9.62 12.20 -7.80
CA ILE A 569 10.99 12.42 -7.34
C ILE A 569 12.02 11.85 -8.33
N SER A 570 11.66 10.80 -9.05
CA SER A 570 12.58 10.22 -10.04
C SER A 570 12.99 11.22 -11.09
N CYS A 571 12.13 12.19 -11.38
CA CYS A 571 12.48 13.15 -12.41
C CYS A 571 13.66 14.02 -11.91
N HIS A 572 13.54 14.49 -10.69
CA HIS A 572 14.61 15.22 -10.05
C HIS A 572 15.93 14.43 -9.94
N VAL A 573 15.82 13.18 -9.50
CA VAL A 573 17.01 12.30 -9.43
C VAL A 573 17.70 12.19 -10.82
N GLN A 574 16.95 11.87 -11.83
CA GLN A 574 17.51 11.65 -13.14
C GLN A 574 18.28 12.84 -13.68
N VAL A 575 17.79 14.05 -13.40
CA VAL A 575 18.47 15.29 -13.82
C VAL A 575 19.63 15.54 -12.88
N ALA A 576 19.39 15.46 -11.57
CA ALA A 576 20.50 15.70 -10.60
C ALA A 576 21.64 14.73 -10.77
N HIS A 577 21.35 13.48 -11.12
CA HIS A 577 22.42 12.49 -11.20
C HIS A 577 23.53 12.94 -12.18
N GLU A 578 23.11 13.67 -13.20
CA GLU A 578 24.04 14.05 -14.27
C GLU A 578 24.86 15.27 -13.91
N LYS A 579 24.65 15.89 -12.76
CA LYS A 579 25.29 17.20 -12.47
C LYS A 579 26.28 17.19 -11.29
N GLU A 580 27.05 18.27 -11.13
CA GLU A 580 28.05 18.44 -10.10
C GLU A 580 27.67 19.55 -9.15
N GLN A 581 28.14 19.46 -7.93
CA GLN A 581 27.94 20.46 -6.90
C GLN A 581 26.49 20.92 -6.67
N VAL A 582 25.53 20.13 -7.08
CA VAL A 582 24.17 20.46 -6.85
C VAL A 582 23.89 20.93 -5.42
N ILE A 583 24.33 20.20 -4.42
CA ILE A 583 23.90 20.53 -3.06
C ILE A 583 24.63 21.72 -2.52
N PRO A 584 25.95 21.77 -2.75
CA PRO A 584 26.61 23.00 -2.33
C PRO A 584 25.98 24.30 -2.95
N ILE A 585 25.65 24.26 -4.23
CA ILE A 585 24.98 25.41 -4.92
C ILE A 585 23.63 25.74 -4.29
N ALA A 586 22.77 24.74 -4.10
CA ALA A 586 21.55 24.97 -3.35
C ALA A 586 21.80 25.63 -2.02
N LEU A 587 22.79 25.16 -1.29
CA LEU A 587 23.03 25.71 0.04
C LEU A 587 23.55 27.13 -0.02
N LEU A 588 24.43 27.41 -0.96
CA LEU A 588 24.90 28.78 -1.06
C LEU A 588 23.71 29.69 -1.34
N SER A 589 22.96 29.37 -2.39
CA SER A 589 21.72 30.09 -2.69
C SER A 589 20.98 30.47 -1.45
N LEU A 590 20.79 29.53 -0.52
CA LEU A 590 19.99 29.77 0.68
C LEU A 590 20.74 30.69 1.61
N LEU A 591 22.01 30.36 1.86
CA LEU A 591 22.82 31.12 2.78
C LEU A 591 22.94 32.54 2.34
N PHE A 592 23.35 32.77 1.10
CA PHE A 592 23.45 34.16 0.56
C PHE A 592 22.10 34.77 0.12
N ARG A 593 21.01 34.03 0.28
CA ARG A 593 19.70 34.46 -0.23
C ARG A 593 19.79 34.96 -1.63
N CYS A 594 20.42 34.17 -2.51
CA CYS A 594 20.75 34.61 -3.87
C CYS A 594 20.27 33.61 -4.87
N SER A 595 20.43 33.93 -6.14
CA SER A 595 19.96 33.07 -7.19
C SER A 595 20.98 31.97 -7.48
N ILE A 596 20.61 31.06 -8.36
CA ILE A 596 21.50 30.00 -8.78
C ILE A 596 22.67 30.57 -9.60
N THR A 597 22.36 31.50 -10.47
CA THR A 597 23.38 32.22 -11.23
C THR A 597 24.42 32.84 -10.27
N GLU A 598 23.96 33.47 -9.22
CA GLU A 598 24.85 34.13 -8.28
C GLU A 598 25.68 33.10 -7.50
N ALA A 599 25.04 32.06 -6.98
CA ALA A 599 25.75 31.01 -6.23
C ALA A 599 26.78 30.26 -7.05
N GLN A 600 26.42 29.88 -8.25
CA GLN A 600 27.39 29.25 -9.15
C GLN A 600 28.62 30.12 -9.39
N ALA A 601 28.43 31.42 -9.57
CA ALA A 601 29.57 32.27 -9.93
C ALA A 601 30.43 32.55 -8.71
N HIS A 602 29.81 32.59 -7.54
CA HIS A 602 30.52 32.59 -6.28
C HIS A 602 31.29 31.28 -6.05
N LEU A 603 30.70 30.17 -6.40
CA LEU A 603 31.42 28.93 -6.26
C LEU A 603 32.66 28.98 -7.15
N ALA A 604 32.48 29.15 -8.46
CA ALA A 604 33.60 29.29 -9.41
C ALA A 604 34.68 30.34 -8.99
N ALA A 605 34.30 31.36 -8.25
CA ALA A 605 35.22 32.29 -7.67
C ALA A 605 35.35 31.94 -6.19
N ALA A 606 35.95 30.79 -5.95
CA ALA A 606 36.45 30.44 -4.63
C ALA A 606 37.53 29.38 -4.83
N PRO A 607 38.44 29.27 -3.88
CA PRO A 607 39.50 28.27 -4.08
C PRO A 607 38.95 26.86 -4.25
N SER A 608 38.00 26.48 -3.41
CA SER A 608 37.40 25.16 -3.53
C SER A 608 35.96 25.11 -2.98
N VAL A 609 35.23 24.14 -3.48
CA VAL A 609 33.91 23.84 -2.95
C VAL A 609 33.93 23.92 -1.42
N CYS A 610 34.84 23.18 -0.81
CA CYS A 610 34.84 22.94 0.62
C CYS A 610 35.08 24.26 1.34
N GLU A 611 35.96 25.10 0.77
CA GLU A 611 36.19 26.45 1.30
C GLU A 611 34.99 27.33 1.03
N ALA A 612 34.43 27.27 -0.17
CA ALA A 612 33.27 28.12 -0.46
C ALA A 612 32.19 27.86 0.58
N VAL A 613 31.87 26.59 0.83
CA VAL A 613 30.80 26.23 1.77
C VAL A 613 31.18 26.57 3.18
N ARG A 614 32.37 26.14 3.60
CA ARG A 614 32.88 26.42 4.97
C ARG A 614 32.84 27.93 5.31
N SER A 615 33.33 28.75 4.40
CA SER A 615 33.30 30.21 4.61
C SER A 615 31.88 30.79 4.56
N ALA A 616 31.01 30.27 3.69
CA ALA A 616 29.61 30.75 3.75
C ALA A 616 28.94 30.34 5.08
N LEU A 617 29.20 29.13 5.55
CA LEU A 617 28.60 28.77 6.80
C LEU A 617 29.05 29.70 7.89
N ALA A 618 30.28 30.19 7.81
CA ALA A 618 30.73 31.23 8.76
C ALA A 618 30.42 32.66 8.26
N MET B 13 -0.53 1.90 23.37
CA MET B 13 -1.25 0.72 23.95
C MET B 13 -1.43 -0.35 22.85
N PRO B 14 -1.98 -1.54 23.20
CA PRO B 14 -2.62 -2.40 22.19
C PRO B 14 -4.02 -1.86 21.81
N GLY B 15 -4.25 -1.64 20.51
CA GLY B 15 -5.45 -0.97 19.98
C GLY B 15 -5.14 0.36 19.30
N THR B 16 -4.14 1.09 19.80
CA THR B 16 -3.78 2.36 19.20
C THR B 16 -3.60 2.26 17.70
N LYS B 17 -2.89 1.23 17.22
CA LYS B 17 -2.64 1.08 15.78
C LYS B 17 -3.89 0.71 14.98
N ARG B 18 -4.74 -0.18 15.48
CA ARG B 18 -5.95 -0.55 14.73
C ARG B 18 -6.90 0.59 14.69
N PHE B 19 -6.76 1.53 15.60
CA PHE B 19 -7.71 2.62 15.71
C PHE B 19 -7.12 3.98 15.46
N GLN B 20 -5.88 3.98 15.01
CA GLN B 20 -5.10 5.21 14.80
C GLN B 20 -5.70 6.21 13.86
N HIS B 21 -6.39 5.72 12.83
CA HIS B 21 -6.93 6.59 11.75
C HIS B 21 -8.23 7.27 12.15
N VAL B 22 -8.81 6.82 13.28
CA VAL B 22 -10.09 7.34 13.78
C VAL B 22 -9.89 8.72 14.39
N ILE B 23 -10.76 9.68 14.08
CA ILE B 23 -10.64 11.03 14.59
C ILE B 23 -11.37 11.16 15.92
N GLU B 24 -10.91 12.10 16.76
CA GLU B 24 -11.46 12.27 18.10
C GLU B 24 -12.85 12.94 18.09
N THR B 25 -13.69 12.55 19.02
CA THR B 25 -15.02 13.06 19.07
C THR B 25 -14.92 14.56 19.39
N PRO B 26 -15.62 15.42 18.62
CA PRO B 26 -15.62 16.85 18.88
C PRO B 26 -16.43 17.24 20.10
N GLU B 27 -16.25 18.47 20.57
CA GLU B 27 -16.95 18.92 21.76
C GLU B 27 -18.20 19.64 21.33
N PRO B 28 -19.23 19.66 22.22
CA PRO B 28 -20.54 20.26 21.88
C PRO B 28 -20.37 21.53 21.09
N GLY B 29 -21.05 21.61 19.93
CA GLY B 29 -20.96 22.79 19.09
C GLY B 29 -19.58 23.05 18.50
N LYS B 30 -18.67 22.09 18.59
CA LYS B 30 -17.40 22.22 17.88
C LYS B 30 -17.25 21.14 16.80
N TRP B 31 -18.37 20.70 16.21
CA TRP B 31 -18.32 19.62 15.22
C TRP B 31 -17.64 20.06 13.92
N GLU B 32 -18.28 21.05 13.28
CA GLU B 32 -17.69 21.85 12.18
C GLU B 32 -16.31 22.43 12.48
N LEU B 33 -16.17 23.09 13.64
CA LEU B 33 -14.94 23.81 14.03
C LEU B 33 -13.73 22.92 14.18
N SER B 34 -13.90 21.82 14.91
CA SER B 34 -12.89 20.74 14.95
C SER B 34 -12.57 20.15 13.57
N GLY B 35 -13.56 20.06 12.66
CA GLY B 35 -13.32 19.52 11.32
C GLY B 35 -13.45 18.01 11.22
N TYR B 36 -14.00 17.41 12.24
CA TYR B 36 -14.51 16.07 12.12
C TYR B 36 -15.49 16.02 10.89
N GLU B 37 -16.49 16.93 10.82
CA GLU B 37 -17.50 16.87 9.72
C GLU B 37 -16.84 16.97 8.36
N ALA B 38 -15.77 17.72 8.31
CA ALA B 38 -15.05 17.96 7.07
C ALA B 38 -14.46 16.67 6.53
N ALA B 39 -14.11 15.76 7.44
CA ALA B 39 -13.53 14.51 7.08
C ALA B 39 -14.60 13.36 6.90
N VAL B 40 -15.86 13.63 7.20
CA VAL B 40 -16.89 12.58 7.03
C VAL B 40 -17.06 12.42 5.56
N PRO B 41 -16.86 11.18 5.06
CA PRO B 41 -17.03 11.08 3.61
C PRO B 41 -18.46 11.42 3.20
N ILE B 42 -18.61 11.98 2.00
CA ILE B 42 -19.96 12.39 1.51
C ILE B 42 -20.87 11.19 1.57
N THR B 43 -20.35 10.05 1.14
CA THR B 43 -21.17 8.84 1.09
C THR B 43 -21.60 8.50 2.51
N GLU B 44 -20.84 8.94 3.54
CA GLU B 44 -21.26 8.74 4.94
C GLU B 44 -22.04 9.87 5.57
N LYS B 45 -22.04 11.06 4.98
CA LYS B 45 -22.60 12.17 5.68
C LYS B 45 -24.07 11.99 5.92
N SER B 46 -24.55 12.72 6.92
CA SER B 46 -25.98 12.97 7.06
C SER B 46 -26.41 13.92 5.96
N ASN B 47 -27.52 13.68 5.29
CA ASN B 47 -28.02 14.64 4.35
C ASN B 47 -28.86 15.65 5.09
N PRO B 48 -28.56 16.92 4.94
CA PRO B 48 -29.37 17.85 5.81
C PRO B 48 -30.85 17.92 5.43
N LEU B 49 -31.17 17.67 4.18
CA LEU B 49 -32.56 17.50 3.79
C LEU B 49 -33.38 16.50 4.62
N THR B 50 -32.75 15.43 5.09
CA THR B 50 -33.46 14.33 5.74
C THR B 50 -33.22 14.26 7.26
N GLN B 51 -32.80 15.37 7.86
CA GLN B 51 -32.51 15.40 9.29
C GLN B 51 -33.70 14.98 10.18
N ASP B 52 -34.90 15.34 9.77
CA ASP B 52 -36.10 14.94 10.50
C ASP B 52 -36.90 13.92 9.73
N LEU B 53 -36.24 13.04 8.98
CA LEU B 53 -36.96 12.01 8.21
C LEU B 53 -37.75 11.10 9.11
N ASP B 54 -37.21 10.78 10.30
CA ASP B 54 -37.93 9.99 11.30
C ASP B 54 -39.25 10.64 11.79
N LYS B 55 -39.50 11.91 11.42
CA LYS B 55 -40.74 12.62 11.77
C LYS B 55 -41.55 13.09 10.57
N ALA B 56 -41.27 12.56 9.39
CA ALA B 56 -42.00 12.94 8.20
C ALA B 56 -43.07 11.89 7.90
N ASP B 57 -44.25 12.33 7.45
CA ASP B 57 -45.29 11.40 6.98
C ASP B 57 -44.86 10.85 5.62
N ALA B 58 -45.68 9.98 5.03
CA ALA B 58 -45.30 9.25 3.83
C ALA B 58 -45.05 10.19 2.67
N GLU B 59 -45.96 11.15 2.51
CA GLU B 59 -45.89 12.02 1.34
C GLU B 59 -44.59 12.83 1.44
N ASN B 60 -44.25 13.21 2.66
CA ASN B 60 -43.08 14.01 2.92
C ASN B 60 -41.78 13.24 2.72
N ILE B 61 -41.76 11.98 3.14
CA ILE B 61 -40.65 11.04 2.79
C ILE B 61 -40.42 10.95 1.29
N VAL B 62 -41.51 10.87 0.52
CA VAL B 62 -41.35 10.74 -0.93
C VAL B 62 -40.75 12.04 -1.51
N ARG B 63 -41.20 13.15 -0.98
CA ARG B 63 -40.75 14.43 -1.45
C ARG B 63 -39.24 14.55 -1.11
N LEU B 64 -38.84 14.15 0.09
CA LEU B 64 -37.46 14.36 0.50
C LEU B 64 -36.49 13.47 -0.23
N LEU B 65 -36.87 12.21 -0.41
CA LEU B 65 -36.00 11.30 -1.11
C LEU B 65 -35.93 11.67 -2.54
N GLY B 66 -37.06 12.17 -3.06
CA GLY B 66 -37.06 12.62 -4.46
C GLY B 66 -36.03 13.73 -4.64
N GLN B 67 -36.00 14.60 -3.69
CA GLN B 67 -35.04 15.69 -3.71
C GLN B 67 -33.62 15.14 -3.52
N CYS B 68 -33.42 14.18 -2.60
CA CYS B 68 -32.06 13.55 -2.49
C CYS B 68 -31.56 13.02 -3.80
N ASP B 69 -32.40 12.26 -4.49
CA ASP B 69 -32.11 11.68 -5.81
C ASP B 69 -31.88 12.72 -6.87
N ALA B 70 -32.54 13.85 -6.72
CA ALA B 70 -32.32 14.94 -7.68
C ALA B 70 -30.86 15.49 -7.59
N GLU B 71 -30.20 15.30 -6.44
CA GLU B 71 -28.85 15.80 -6.25
C GLU B 71 -27.84 15.15 -7.20
N ILE B 72 -28.20 14.01 -7.75
CA ILE B 72 -27.30 13.31 -8.63
C ILE B 72 -26.96 14.20 -9.82
N PHE B 73 -27.93 15.02 -10.22
CA PHE B 73 -27.88 15.80 -11.49
C PHE B 73 -27.61 17.27 -11.26
N GLN B 74 -27.67 17.67 -10.01
CA GLN B 74 -27.26 19.00 -9.61
C GLN B 74 -25.84 19.47 -10.03
N GLU B 75 -25.72 20.70 -10.52
CA GLU B 75 -24.46 21.17 -11.08
C GLU B 75 -23.56 21.70 -9.97
N GLU B 76 -22.26 21.67 -10.24
CA GLU B 76 -21.27 22.18 -9.28
C GLU B 76 -21.54 23.66 -8.96
N GLY B 77 -21.68 23.99 -7.68
CA GLY B 77 -21.82 25.37 -7.22
C GLY B 77 -20.45 26.01 -6.98
N GLN B 78 -20.38 26.97 -6.03
CA GLN B 78 -19.12 27.68 -5.72
C GLN B 78 -19.10 28.18 -4.27
N SER B 81 -13.86 25.14 -2.91
CA SER B 81 -15.08 25.06 -2.10
C SER B 81 -15.92 23.78 -2.34
N THR B 82 -16.34 23.55 -3.58
CA THR B 82 -17.17 22.37 -3.84
C THR B 82 -16.52 21.41 -4.83
N TYR B 83 -17.06 20.20 -4.79
CA TYR B 83 -16.49 19.09 -5.52
C TYR B 83 -17.09 18.93 -6.91
N GLN B 84 -16.30 18.32 -7.75
CA GLN B 84 -16.62 17.98 -9.12
C GLN B 84 -17.92 17.16 -9.09
N ARG B 85 -18.83 17.42 -10.03
CA ARG B 85 -20.11 16.78 -10.07
C ARG B 85 -20.38 16.18 -11.43
N LEU B 86 -21.55 15.56 -11.59
CA LEU B 86 -21.79 14.71 -12.78
C LEU B 86 -21.60 15.43 -14.14
N TYR B 87 -22.17 16.64 -14.20
CA TYR B 87 -22.11 17.50 -15.39
C TYR B 87 -20.85 18.38 -15.41
N SER B 88 -19.93 18.14 -14.48
CA SER B 88 -18.69 18.89 -14.47
C SER B 88 -17.82 18.44 -15.58
N GLU B 89 -17.12 19.41 -16.14
CA GLU B 89 -16.32 19.25 -17.34
C GLU B 89 -15.25 18.19 -17.19
N SER B 90 -14.58 18.22 -16.05
CA SER B 90 -13.60 17.18 -15.83
C SER B 90 -14.26 15.76 -15.82
N ILE B 91 -15.49 15.68 -15.32
CA ILE B 91 -16.16 14.36 -15.23
C ILE B 91 -16.55 13.84 -16.62
N LEU B 92 -17.22 14.71 -17.37
CA LEU B 92 -17.58 14.43 -18.76
C LEU B 92 -16.37 14.17 -19.61
N THR B 93 -15.30 14.92 -19.42
CA THR B 93 -14.06 14.57 -20.12
C THR B 93 -13.54 13.15 -19.74
N THR B 94 -13.54 12.81 -18.47
CA THR B 94 -13.17 11.48 -18.15
C THR B 94 -14.11 10.47 -18.77
N MET B 95 -15.41 10.71 -18.71
CA MET B 95 -16.35 9.76 -19.29
C MET B 95 -16.00 9.54 -20.74
N VAL B 96 -15.74 10.63 -21.46
CA VAL B 96 -15.47 10.49 -22.87
C VAL B 96 -14.14 9.78 -23.12
N GLN B 97 -13.10 10.02 -22.32
CA GLN B 97 -11.83 9.26 -22.54
C GLN B 97 -11.97 7.78 -22.31
N VAL B 98 -12.77 7.43 -21.33
CA VAL B 98 -12.97 6.04 -21.03
C VAL B 98 -13.78 5.33 -22.13
N ALA B 99 -14.87 5.96 -22.55
CA ALA B 99 -15.61 5.52 -23.76
C ALA B 99 -14.69 5.22 -24.90
N GLY B 100 -13.70 6.10 -25.11
CA GLY B 100 -12.74 5.96 -26.19
C GLY B 100 -11.89 4.71 -25.98
N LYS B 101 -11.59 4.42 -24.72
CA LYS B 101 -10.76 3.24 -24.45
C LYS B 101 -11.59 1.98 -24.66
N VAL B 102 -12.86 2.04 -24.32
CA VAL B 102 -13.70 0.90 -24.53
C VAL B 102 -13.85 0.71 -26.04
N GLN B 103 -14.03 1.81 -26.76
CA GLN B 103 -14.17 1.74 -28.22
C GLN B 103 -12.97 1.00 -28.81
N GLU B 104 -11.77 1.27 -28.34
CA GLU B 104 -10.61 0.56 -28.87
C GLU B 104 -10.78 -0.94 -28.71
N VAL B 105 -11.28 -1.33 -27.56
CA VAL B 105 -11.44 -2.75 -27.29
C VAL B 105 -12.56 -3.24 -28.19
N LEU B 106 -13.64 -2.48 -28.31
CA LEU B 106 -14.70 -2.90 -29.24
C LEU B 106 -14.15 -3.22 -30.67
N LYS B 107 -13.21 -2.42 -31.16
CA LYS B 107 -12.72 -2.52 -32.54
C LYS B 107 -11.70 -3.62 -32.82
N GLU B 108 -11.20 -4.27 -31.78
CA GLU B 108 -10.31 -5.40 -31.95
C GLU B 108 -10.56 -6.32 -30.79
N PRO B 109 -11.62 -7.14 -30.89
CA PRO B 109 -12.08 -8.10 -29.88
C PRO B 109 -11.22 -9.36 -29.63
N ASP B 110 -10.35 -9.77 -30.54
CA ASP B 110 -9.48 -10.88 -30.19
C ASP B 110 -8.75 -10.62 -28.85
N GLY B 111 -9.22 -11.31 -27.82
CA GLY B 111 -8.62 -11.24 -26.51
C GLY B 111 -9.06 -10.04 -25.70
N GLY B 112 -10.18 -9.45 -26.07
CA GLY B 112 -10.62 -8.25 -25.41
C GLY B 112 -11.60 -8.63 -24.34
N LEU B 113 -11.64 -7.88 -23.23
CA LEU B 113 -12.69 -8.08 -22.20
C LEU B 113 -13.00 -6.80 -21.44
N VAL B 114 -14.27 -6.53 -21.21
CA VAL B 114 -14.61 -5.42 -20.32
C VAL B 114 -15.27 -5.91 -19.02
N VAL B 115 -14.62 -5.67 -17.88
CA VAL B 115 -15.10 -6.20 -16.60
C VAL B 115 -15.73 -5.10 -15.74
N LEU B 116 -16.94 -5.34 -15.28
CA LEU B 116 -17.65 -4.48 -14.37
C LEU B 116 -17.68 -5.17 -12.97
N SER B 117 -17.07 -4.56 -11.96
CA SER B 117 -16.88 -5.20 -10.65
C SER B 117 -17.27 -4.39 -9.41
N GLY B 118 -17.84 -5.03 -8.40
CA GLY B 118 -17.85 -4.44 -7.06
C GLY B 118 -18.60 -5.30 -6.07
N GLY B 119 -18.83 -4.76 -4.87
CA GLY B 119 -19.49 -5.52 -3.79
C GLY B 119 -20.92 -5.08 -3.60
N GLY B 120 -21.76 -5.94 -3.05
CA GLY B 120 -23.08 -5.52 -2.64
C GLY B 120 -23.78 -4.85 -3.84
N THR B 121 -24.48 -3.74 -3.62
CA THR B 121 -25.24 -3.10 -4.71
C THR B 121 -24.35 -2.73 -5.89
N SER B 122 -23.07 -2.42 -5.68
CA SER B 122 -22.23 -2.13 -6.84
C SER B 122 -22.01 -3.35 -7.72
N GLY B 123 -21.95 -4.55 -7.11
CA GLY B 123 -21.94 -5.84 -7.87
C GLY B 123 -23.29 -6.15 -8.52
N ARG B 124 -24.37 -5.90 -7.84
CA ARG B 124 -25.65 -6.06 -8.46
C ARG B 124 -25.86 -5.13 -9.69
N MET B 125 -25.50 -3.84 -9.60
CA MET B 125 -25.53 -2.99 -10.80
C MET B 125 -24.57 -3.45 -11.89
N ALA B 126 -23.38 -3.88 -11.53
CA ALA B 126 -22.46 -4.47 -12.51
C ALA B 126 -23.07 -5.64 -13.30
N PHE B 127 -23.82 -6.44 -12.61
CA PHE B 127 -24.43 -7.62 -13.21
C PHE B 127 -25.45 -7.16 -14.27
N LEU B 128 -26.41 -6.37 -13.86
CA LEU B 128 -27.38 -5.85 -14.76
C LEU B 128 -26.76 -5.30 -16.01
N MET B 129 -25.83 -4.38 -15.83
CA MET B 129 -25.31 -3.69 -16.97
C MET B 129 -24.59 -4.64 -17.88
N SER B 130 -23.80 -5.54 -17.36
CA SER B 130 -23.06 -6.46 -18.23
C SER B 130 -24.03 -7.28 -19.12
N VAL B 131 -25.19 -7.62 -18.57
CA VAL B 131 -26.23 -8.33 -19.29
C VAL B 131 -26.76 -7.42 -20.40
N SER B 132 -27.04 -6.15 -20.05
CA SER B 132 -27.58 -5.19 -21.02
C SER B 132 -26.69 -4.99 -22.20
N PHE B 133 -25.40 -4.78 -22.00
CA PHE B 133 -24.47 -4.56 -23.13
C PHE B 133 -24.01 -5.81 -23.82
N ASN B 134 -24.07 -6.97 -23.14
CA ASN B 134 -23.87 -8.22 -23.88
C ASN B 134 -25.01 -8.45 -24.89
N GLN B 135 -26.24 -8.19 -24.49
CA GLN B 135 -27.37 -8.20 -25.38
C GLN B 135 -27.20 -7.29 -26.59
N LEU B 136 -26.86 -6.04 -26.33
CA LEU B 136 -26.57 -5.07 -27.37
C LEU B 136 -25.57 -5.60 -28.38
N MET B 137 -24.48 -6.19 -27.96
CA MET B 137 -23.51 -6.64 -28.97
C MET B 137 -23.95 -7.90 -29.72
N LYS B 138 -24.83 -8.67 -29.04
CA LYS B 138 -25.45 -9.85 -29.59
C LYS B 138 -26.31 -9.39 -30.76
N GLY B 139 -27.19 -8.43 -30.49
CA GLY B 139 -27.95 -7.70 -31.52
C GLY B 139 -27.15 -7.02 -32.65
N LEU B 140 -25.85 -7.22 -32.75
CA LEU B 140 -25.11 -6.78 -33.93
C LEU B 140 -24.31 -7.96 -34.43
N GLY B 141 -24.69 -9.16 -33.99
CA GLY B 141 -23.86 -10.34 -34.19
C GLY B 141 -22.39 -10.10 -33.95
N GLN B 142 -22.06 -9.40 -32.86
CA GLN B 142 -20.69 -9.33 -32.37
C GLN B 142 -20.63 -10.22 -31.12
N LYS B 143 -19.47 -10.77 -30.82
CA LYS B 143 -19.34 -11.59 -29.62
C LYS B 143 -19.40 -10.69 -28.34
N PRO B 144 -20.16 -11.12 -27.33
CA PRO B 144 -20.27 -10.38 -26.05
C PRO B 144 -18.88 -10.19 -25.42
N LEU B 145 -18.52 -8.97 -25.05
CA LEU B 145 -17.25 -8.77 -24.46
C LEU B 145 -17.31 -8.42 -22.95
N TYR B 146 -18.47 -8.30 -22.36
CA TYR B 146 -18.59 -7.82 -20.99
C TYR B 146 -18.71 -8.97 -20.00
N THR B 147 -18.26 -8.75 -18.78
CA THR B 147 -18.59 -9.69 -17.71
C THR B 147 -18.63 -8.96 -16.41
N TYR B 148 -19.14 -9.63 -15.36
CA TYR B 148 -19.26 -8.96 -14.09
C TYR B 148 -18.55 -9.77 -13.04
N LEU B 149 -18.19 -9.11 -11.95
CA LEU B 149 -17.57 -9.74 -10.79
C LEU B 149 -18.26 -9.08 -9.64
N ILE B 150 -18.74 -9.89 -8.71
CA ILE B 150 -19.29 -9.43 -7.48
C ILE B 150 -18.71 -10.20 -6.29
N ALA B 151 -18.42 -9.43 -5.25
CA ALA B 151 -17.88 -9.95 -3.99
C ALA B 151 -18.74 -11.10 -3.54
N GLY B 152 -18.09 -12.25 -3.43
CA GLY B 152 -18.67 -13.49 -2.89
C GLY B 152 -19.10 -14.47 -3.96
N GLY B 153 -18.71 -14.20 -5.22
CA GLY B 153 -19.13 -14.98 -6.39
C GLY B 153 -20.59 -14.76 -6.71
N ASP B 154 -21.09 -15.48 -7.70
CA ASP B 154 -22.30 -15.06 -8.41
C ASP B 154 -23.53 -15.14 -7.62
N ARG B 155 -23.57 -16.05 -6.66
CA ARG B 155 -24.73 -16.08 -5.75
C ARG B 155 -24.98 -14.73 -4.99
N SER B 156 -23.93 -13.91 -4.81
CA SER B 156 -24.12 -12.62 -4.12
C SER B 156 -25.11 -11.69 -4.83
N VAL B 157 -25.25 -11.90 -6.14
CA VAL B 157 -26.12 -11.05 -6.96
C VAL B 157 -27.47 -10.93 -6.36
N VAL B 158 -27.96 -12.05 -5.83
CA VAL B 158 -29.35 -12.12 -5.32
C VAL B 158 -29.43 -12.34 -3.82
N ALA B 159 -28.34 -12.09 -3.10
CA ALA B 159 -28.35 -12.32 -1.66
C ALA B 159 -27.73 -11.21 -0.84
N SER B 160 -28.11 -11.18 0.44
CA SER B 160 -27.41 -10.38 1.46
C SER B 160 -26.14 -11.06 1.92
N ARG B 161 -24.99 -10.56 1.50
CA ARG B 161 -23.66 -11.17 1.72
C ARG B 161 -22.56 -10.08 1.93
N GLU B 162 -22.84 -9.25 2.95
CA GLU B 162 -22.13 -8.00 3.23
C GLU B 162 -20.68 -8.25 3.69
N GLY B 163 -20.41 -9.44 4.25
CA GLY B 163 -19.05 -9.88 4.64
C GLY B 163 -18.03 -10.03 3.52
N THR B 164 -18.44 -10.34 2.28
CA THR B 164 -17.50 -10.78 1.26
C THR B 164 -16.64 -9.71 0.61
N GLU B 165 -16.91 -8.44 0.90
CA GLU B 165 -16.24 -7.30 0.20
C GLU B 165 -14.90 -6.89 0.81
N ASP B 166 -14.60 -7.53 1.94
CA ASP B 166 -13.49 -7.11 2.81
C ASP B 166 -12.16 -7.72 2.44
N SER B 167 -12.12 -8.51 1.40
CA SER B 167 -10.88 -9.17 1.01
C SER B 167 -10.32 -8.74 -0.34
N ALA B 168 -9.09 -8.25 -0.33
CA ALA B 168 -8.41 -7.77 -1.51
C ALA B 168 -7.94 -8.89 -2.40
N LEU B 169 -7.49 -9.97 -1.77
CA LEU B 169 -6.93 -11.10 -2.50
C LEU B 169 -8.08 -11.80 -3.25
N HIS B 170 -9.23 -11.89 -2.60
CA HIS B 170 -10.41 -12.42 -3.21
C HIS B 170 -10.81 -11.66 -4.51
N GLY B 171 -10.67 -10.33 -4.48
CA GLY B 171 -10.98 -9.50 -5.68
C GLY B 171 -10.02 -9.78 -6.81
N ILE B 172 -8.76 -9.90 -6.44
CA ILE B 172 -7.68 -10.20 -7.34
C ILE B 172 -7.87 -11.58 -7.89
N GLU B 173 -8.15 -12.57 -7.07
CA GLU B 173 -8.33 -13.97 -7.60
C GLU B 173 -9.40 -14.02 -8.69
N GLU B 174 -10.54 -13.42 -8.40
CA GLU B 174 -11.68 -13.49 -9.29
C GLU B 174 -11.36 -12.80 -10.59
N LEU B 175 -10.61 -11.70 -10.49
CA LEU B 175 -10.15 -10.98 -11.66
C LEU B 175 -9.18 -11.84 -12.47
N LYS B 176 -8.26 -12.55 -11.84
CA LYS B 176 -7.33 -13.36 -12.68
C LYS B 176 -8.08 -14.50 -13.40
N LYS B 177 -9.13 -15.02 -12.80
CA LYS B 177 -9.89 -16.07 -13.47
C LYS B 177 -10.52 -15.63 -14.78
N VAL B 178 -11.20 -14.50 -14.71
CA VAL B 178 -11.93 -14.01 -15.84
C VAL B 178 -10.91 -13.45 -16.89
N ALA B 179 -9.80 -12.89 -16.47
CA ALA B 179 -8.86 -12.35 -17.43
C ALA B 179 -7.88 -13.36 -17.98
N ALA B 180 -8.00 -14.61 -17.56
CA ALA B 180 -7.02 -15.63 -17.96
C ALA B 180 -6.83 -15.60 -19.48
N GLY B 181 -5.60 -15.35 -19.91
CA GLY B 181 -5.27 -15.41 -21.33
C GLY B 181 -5.77 -14.28 -22.21
N LYS B 182 -6.38 -13.24 -21.64
CA LYS B 182 -6.82 -12.08 -22.45
C LYS B 182 -5.67 -11.16 -22.73
N LYS B 183 -5.75 -10.40 -23.80
CA LYS B 183 -4.65 -9.51 -24.18
C LYS B 183 -4.95 -8.08 -23.78
N ARG B 184 -6.23 -7.70 -23.73
CA ARG B 184 -6.67 -6.37 -23.32
C ARG B 184 -7.89 -6.43 -22.43
N VAL B 185 -7.76 -5.92 -21.20
CA VAL B 185 -8.86 -5.94 -20.25
C VAL B 185 -9.07 -4.58 -19.64
N ILE B 186 -10.31 -4.11 -19.71
CA ILE B 186 -10.68 -2.88 -19.08
C ILE B 186 -11.45 -3.34 -17.89
N VAL B 187 -11.07 -2.82 -16.71
CA VAL B 187 -11.70 -3.24 -15.46
C VAL B 187 -12.32 -2.05 -14.81
N ILE B 188 -13.64 -2.02 -14.76
CA ILE B 188 -14.35 -0.98 -14.14
C ILE B 188 -14.73 -1.41 -12.73
N GLY B 189 -13.99 -0.91 -11.76
CA GLY B 189 -14.21 -1.23 -10.39
C GLY B 189 -15.06 -0.20 -9.75
N ILE B 190 -16.20 -0.63 -9.22
CA ILE B 190 -17.23 0.23 -8.75
C ILE B 190 -17.29 0.13 -7.24
N SER B 191 -16.97 1.22 -6.54
CA SER B 191 -17.12 1.28 -5.11
C SER B 191 -17.53 2.64 -4.78
N VAL B 192 -18.77 2.74 -4.41
CA VAL B 192 -19.40 3.99 -4.17
C VAL B 192 -18.65 4.82 -3.13
N GLY B 193 -18.39 4.24 -1.95
CA GLY B 193 -17.61 4.99 -0.98
C GLY B 193 -16.13 5.14 -1.33
N LEU B 194 -15.65 4.61 -2.45
CA LEU B 194 -14.22 4.37 -2.63
C LEU B 194 -13.69 3.58 -1.38
N SER B 195 -14.23 2.39 -1.21
CA SER B 195 -14.23 1.76 0.05
C SER B 195 -13.85 0.27 0.03
N ALA B 196 -14.40 -0.50 -0.92
CA ALA B 196 -14.34 -1.94 -0.88
C ALA B 196 -12.94 -2.51 -1.13
N PRO B 197 -12.41 -3.28 -0.16
CA PRO B 197 -11.12 -3.87 -0.39
C PRO B 197 -11.07 -4.77 -1.64
N PHE B 198 -12.16 -5.48 -1.92
CA PHE B 198 -12.36 -6.29 -3.15
C PHE B 198 -11.97 -5.47 -4.40
N VAL B 199 -12.46 -4.26 -4.50
CA VAL B 199 -12.16 -3.44 -5.64
C VAL B 199 -10.78 -2.86 -5.54
N ALA B 200 -10.37 -2.45 -4.36
CA ALA B 200 -9.03 -1.87 -4.25
C ALA B 200 -8.02 -2.86 -4.71
N GLY B 201 -8.19 -4.12 -4.30
CA GLY B 201 -7.22 -5.12 -4.77
C GLY B 201 -7.12 -5.21 -6.30
N GLN B 202 -8.29 -5.22 -6.95
CA GLN B 202 -8.33 -5.35 -8.40
C GLN B 202 -7.67 -4.17 -9.09
N MET B 203 -7.95 -2.97 -8.57
CA MET B 203 -7.37 -1.78 -9.19
C MET B 203 -5.87 -1.85 -9.08
N ASP B 204 -5.34 -2.30 -7.94
CA ASP B 204 -3.86 -2.31 -7.75
C ASP B 204 -3.23 -3.33 -8.71
N CYS B 205 -3.88 -4.48 -8.81
CA CYS B 205 -3.43 -5.53 -9.75
C CYS B 205 -3.32 -4.98 -11.17
N CYS B 206 -4.36 -4.30 -11.63
CA CYS B 206 -4.34 -3.71 -12.96
C CYS B 206 -3.17 -2.80 -13.15
N MET B 207 -2.87 -1.96 -12.17
CA MET B 207 -1.78 -0.99 -12.35
C MET B 207 -0.45 -1.69 -12.36
N ASN B 208 -0.37 -2.89 -11.79
CA ASN B 208 0.88 -3.62 -11.80
C ASN B 208 1.06 -4.35 -13.15
N ASN B 209 0.07 -4.29 -14.05
CA ASN B 209 0.19 -4.92 -15.37
C ASN B 209 -0.61 -4.14 -16.46
N THR B 210 -0.14 -2.95 -16.78
CA THR B 210 -0.90 -2.03 -17.60
C THR B 210 -0.81 -2.39 -19.04
N ALA B 211 0.18 -3.20 -19.41
CA ALA B 211 0.25 -3.71 -20.74
C ALA B 211 -0.99 -4.52 -21.11
N VAL B 212 -1.71 -5.06 -20.11
CA VAL B 212 -2.92 -5.84 -20.35
C VAL B 212 -4.15 -5.08 -19.84
N PHE B 213 -4.02 -4.49 -18.65
CA PHE B 213 -5.15 -3.98 -17.90
C PHE B 213 -5.22 -2.51 -17.96
N LEU B 214 -6.45 -2.02 -18.12
CA LEU B 214 -6.77 -0.63 -17.84
C LEU B 214 -7.81 -0.53 -16.71
N PRO B 215 -7.37 -0.07 -15.56
CA PRO B 215 -8.39 0.12 -14.53
C PRO B 215 -9.15 1.46 -14.61
N VAL B 216 -10.44 1.41 -14.34
CA VAL B 216 -11.30 2.53 -14.21
C VAL B 216 -12.08 2.45 -12.87
N LEU B 217 -11.83 3.39 -11.97
CA LEU B 217 -12.41 3.35 -10.65
C LEU B 217 -13.58 4.23 -10.63
N VAL B 218 -14.71 3.74 -10.13
CA VAL B 218 -15.89 4.55 -10.10
C VAL B 218 -16.54 4.62 -8.73
N GLY B 219 -16.79 5.84 -8.26
CA GLY B 219 -17.55 5.99 -7.05
C GLY B 219 -17.87 7.43 -6.89
N PHE B 220 -18.18 7.84 -5.66
CA PHE B 220 -18.84 9.14 -5.45
C PHE B 220 -18.33 9.95 -4.27
N ASN B 221 -17.13 9.62 -3.85
CA ASN B 221 -16.33 10.46 -2.96
C ASN B 221 -15.12 11.00 -3.66
N PRO B 222 -14.66 12.17 -3.26
CA PRO B 222 -13.30 12.58 -3.64
C PRO B 222 -12.28 11.60 -3.09
N VAL B 223 -11.23 11.45 -3.84
CA VAL B 223 -10.13 10.62 -3.49
C VAL B 223 -9.61 11.00 -2.11
N SER B 224 -9.60 12.28 -1.77
CA SER B 224 -9.23 12.67 -0.39
C SER B 224 -10.08 12.01 0.68
N MET B 225 -11.24 11.49 0.34
CA MET B 225 -12.13 10.89 1.35
C MET B 225 -12.24 9.40 1.20
N ALA B 226 -11.49 8.83 0.28
CA ALA B 226 -11.45 7.39 0.16
C ALA B 226 -10.91 6.76 1.45
N ARG B 227 -11.32 5.53 1.68
CA ARG B 227 -10.94 4.82 2.88
C ARG B 227 -9.46 4.71 2.95
N ASN B 228 -8.97 5.00 4.16
CA ASN B 228 -7.52 5.03 4.42
C ASN B 228 -7.22 4.19 5.67
N ASP B 229 -8.13 3.31 6.06
CA ASP B 229 -7.82 2.33 7.09
C ASP B 229 -7.18 1.17 6.45
N PRO B 230 -6.37 0.43 7.23
CA PRO B 230 -5.62 -0.69 6.68
C PRO B 230 -6.57 -1.78 6.23
N ILE B 231 -6.21 -2.42 5.14
CA ILE B 231 -6.94 -3.53 4.62
C ILE B 231 -6.22 -4.80 5.05
N GLU B 232 -6.93 -5.85 5.30
CA GLU B 232 -6.39 -6.87 6.14
C GLU B 232 -5.43 -7.75 5.39
N ASP B 233 -5.66 -8.01 4.12
CA ASP B 233 -4.69 -8.83 3.39
C ASP B 233 -3.97 -8.00 2.35
N TRP B 234 -3.84 -6.70 2.55
CA TRP B 234 -3.25 -5.86 1.53
C TRP B 234 -2.42 -4.78 2.21
N SER B 235 -1.40 -4.27 1.52
CA SER B 235 -0.47 -3.31 2.15
C SER B 235 -0.78 -1.83 1.94
N SER B 236 -1.41 -1.46 0.82
CA SER B 236 -1.86 -0.09 0.62
C SER B 236 -3.29 0.09 1.06
N THR B 237 -3.77 1.33 1.08
CA THR B 237 -5.14 1.59 1.51
C THR B 237 -5.84 1.99 0.26
N PHE B 238 -7.17 2.03 0.33
CA PHE B 238 -7.93 2.38 -0.86
C PHE B 238 -7.51 3.77 -1.39
N ARG B 239 -7.29 4.70 -0.49
CA ARG B 239 -6.95 6.07 -0.89
C ARG B 239 -5.66 6.14 -1.68
N GLN B 240 -4.71 5.30 -1.30
CA GLN B 240 -3.43 5.29 -1.91
C GLN B 240 -3.56 4.70 -3.29
N VAL B 241 -4.40 3.69 -3.38
CA VAL B 241 -4.60 3.04 -4.68
C VAL B 241 -5.26 4.05 -5.62
N ALA B 242 -6.28 4.72 -5.12
CA ALA B 242 -6.95 5.76 -5.94
C ALA B 242 -6.05 6.97 -6.32
N GLU B 243 -5.22 7.42 -5.38
CA GLU B 243 -4.21 8.47 -5.67
C GLU B 243 -3.25 8.06 -6.80
N ARG B 244 -2.79 6.82 -6.78
CA ARG B 244 -1.92 6.34 -7.85
C ARG B 244 -2.64 6.20 -9.20
N MET B 245 -3.92 5.86 -9.17
CA MET B 245 -4.66 5.81 -10.39
C MET B 245 -4.81 7.23 -10.94
N GLN B 246 -5.16 8.18 -10.07
CA GLN B 246 -5.23 9.59 -10.52
C GLN B 246 -3.93 10.09 -11.17
N LYS B 247 -2.78 9.78 -10.61
CA LYS B 247 -1.53 10.14 -11.33
C LYS B 247 -1.48 9.50 -12.75
N MET B 248 -1.78 8.24 -12.85
CA MET B 248 -1.68 7.56 -14.13
C MET B 248 -2.71 8.08 -15.16
N GLN B 249 -3.76 8.73 -14.69
CA GLN B 249 -4.74 9.27 -15.57
C GLN B 249 -4.18 10.29 -16.56
N GLU B 250 -3.21 11.05 -16.12
CA GLU B 250 -2.47 12.00 -16.95
C GLU B 250 -1.91 11.40 -18.20
N LYS B 251 -1.51 10.14 -18.15
CA LYS B 251 -1.13 9.41 -19.36
C LYS B 251 -2.24 8.47 -19.85
N GLN B 252 -3.46 8.61 -19.35
CA GLN B 252 -4.59 7.76 -19.79
C GLN B 252 -4.33 6.24 -19.61
N LYS B 253 -3.62 5.90 -18.54
CA LYS B 253 -3.30 4.50 -18.19
C LYS B 253 -4.21 4.05 -17.03
N ALA B 254 -4.92 4.99 -16.43
CA ALA B 254 -5.98 4.67 -15.48
C ALA B 254 -6.98 5.80 -15.43
N PHE B 255 -8.17 5.55 -14.95
CA PHE B 255 -9.09 6.64 -14.77
C PHE B 255 -9.82 6.54 -13.44
N VAL B 256 -10.07 7.70 -12.85
CA VAL B 256 -10.93 7.80 -11.70
C VAL B 256 -12.12 8.67 -12.05
N LEU B 257 -13.31 8.13 -11.89
CA LEU B 257 -14.55 8.71 -12.32
C LEU B 257 -15.46 8.77 -11.11
N ASN B 258 -15.39 9.91 -10.45
CA ASN B 258 -15.86 10.07 -9.10
C ASN B 258 -16.56 11.37 -8.81
N PRO B 259 -17.69 11.56 -9.47
CA PRO B 259 -18.50 12.73 -9.16
C PRO B 259 -19.16 12.71 -7.78
N ALA B 260 -19.27 13.86 -7.15
CA ALA B 260 -20.12 14.02 -5.97
C ALA B 260 -21.60 14.10 -6.35
N ILE B 261 -22.42 13.39 -5.60
CA ILE B 261 -23.87 13.36 -5.80
C ILE B 261 -24.65 13.77 -4.56
N GLY B 262 -23.90 14.16 -3.53
CA GLY B 262 -24.48 14.46 -2.25
C GLY B 262 -24.82 13.19 -1.45
N PRO B 263 -24.98 13.36 -0.15
CA PRO B 263 -25.21 12.26 0.74
C PRO B 263 -26.53 11.57 0.53
N GLU B 264 -26.61 10.34 1.04
CA GLU B 264 -27.79 9.53 0.92
C GLU B 264 -28.82 10.11 1.85
N GLY B 265 -30.10 9.94 1.50
CA GLY B 265 -31.21 10.35 2.33
C GLY B 265 -31.27 9.56 3.62
N LEU B 266 -30.84 8.30 3.57
CA LEU B 266 -30.60 7.49 4.78
C LEU B 266 -29.07 7.28 4.74
N SER B 267 -28.41 7.89 5.72
CA SER B 267 -26.98 8.03 5.80
C SER B 267 -26.32 6.72 5.59
N GLY B 268 -25.42 6.69 4.63
CA GLY B 268 -24.62 5.51 4.30
C GLY B 268 -25.30 4.47 3.41
N SER B 269 -26.60 4.61 3.12
CA SER B 269 -27.29 3.58 2.33
C SER B 269 -26.95 3.76 0.84
N SER B 270 -25.74 3.36 0.47
CA SER B 270 -25.24 3.59 -0.84
C SER B 270 -25.98 2.73 -1.89
N ARG B 271 -26.80 1.75 -1.46
CA ARG B 271 -27.70 1.01 -2.39
C ARG B 271 -28.59 2.02 -3.23
N MET B 272 -28.83 3.19 -2.68
CA MET B 272 -29.79 4.16 -3.22
C MET B 272 -29.21 5.07 -4.30
N LYS B 273 -28.88 6.33 -3.97
CA LYS B 273 -28.23 7.21 -4.93
C LYS B 273 -27.00 6.63 -5.53
N GLY B 274 -26.13 6.05 -4.71
CA GLY B 274 -24.90 5.50 -5.31
C GLY B 274 -25.10 4.42 -6.36
N GLY B 275 -26.07 3.56 -6.11
CA GLY B 275 -26.33 2.54 -7.10
C GLY B 275 -27.10 3.12 -8.31
N SER B 276 -28.06 3.99 -8.08
CA SER B 276 -28.67 4.70 -9.20
C SER B 276 -27.64 5.51 -10.00
N ALA B 277 -26.80 6.28 -9.32
CA ALA B 277 -25.80 7.06 -10.02
C ALA B 277 -24.84 6.18 -10.78
N THR B 278 -24.60 4.97 -10.25
CA THR B 278 -23.77 4.02 -10.91
C THR B 278 -24.30 3.60 -12.30
N LYS B 279 -25.56 3.18 -12.37
CA LYS B 279 -26.20 2.93 -13.68
C LYS B 279 -26.11 4.17 -14.52
N ILE B 280 -26.57 5.28 -13.96
CA ILE B 280 -26.60 6.50 -14.74
C ILE B 280 -25.25 6.71 -15.42
N LEU B 281 -24.18 6.58 -14.66
CA LEU B 281 -22.85 6.94 -15.19
C LEU B 281 -22.37 5.97 -16.19
N LEU B 282 -22.47 4.70 -15.87
CA LEU B 282 -21.88 3.69 -16.73
C LEU B 282 -22.78 3.27 -17.94
N GLU B 283 -24.07 3.34 -17.80
CA GLU B 283 -24.95 3.08 -18.95
C GLU B 283 -24.78 4.21 -19.98
N THR B 284 -24.71 5.45 -19.51
CA THR B 284 -24.45 6.58 -20.39
C THR B 284 -23.20 6.32 -21.18
N LEU B 285 -22.17 6.06 -20.44
CA LEU B 285 -20.85 5.99 -20.98
C LEU B 285 -20.68 4.88 -21.94
N LEU B 286 -21.29 3.73 -21.63
CA LEU B 286 -21.03 2.56 -22.46
C LEU B 286 -21.94 2.57 -23.69
N LEU B 287 -23.17 3.03 -23.48
CA LEU B 287 -24.08 3.24 -24.60
C LEU B 287 -23.48 4.22 -25.63
N ALA B 288 -22.93 5.33 -25.14
CA ALA B 288 -22.22 6.22 -26.04
C ALA B 288 -21.05 5.59 -26.71
N ALA B 289 -20.27 4.78 -25.97
CA ALA B 289 -19.18 4.09 -26.59
C ALA B 289 -19.69 3.35 -27.81
N HIS B 290 -20.72 2.53 -27.63
CA HIS B 290 -21.21 1.69 -28.74
C HIS B 290 -21.79 2.54 -29.92
N LYS B 291 -22.79 3.35 -29.60
CA LYS B 291 -23.42 4.29 -30.51
C LYS B 291 -22.45 5.12 -31.39
N THR B 292 -21.28 5.47 -30.89
CA THR B 292 -20.43 6.36 -31.62
C THR B 292 -19.10 5.79 -32.04
N VAL B 293 -18.99 4.47 -32.15
CA VAL B 293 -17.75 3.94 -32.70
C VAL B 293 -17.52 4.62 -34.04
N ASP B 294 -16.31 5.14 -34.24
CA ASP B 294 -15.93 5.76 -35.50
C ASP B 294 -16.80 6.95 -35.96
N GLN B 295 -17.10 7.86 -35.02
CA GLN B 295 -17.69 9.16 -35.33
C GLN B 295 -16.89 10.30 -34.68
N GLY B 296 -15.75 9.99 -34.09
CA GLY B 296 -14.93 10.99 -33.46
C GLY B 296 -15.44 11.46 -32.12
N ILE B 297 -14.56 12.13 -31.41
CA ILE B 297 -14.84 12.51 -30.03
C ILE B 297 -15.99 13.49 -29.88
N ALA B 298 -16.24 14.28 -30.93
CA ALA B 298 -17.33 15.26 -30.89
C ALA B 298 -18.71 14.62 -30.77
N ALA B 299 -18.98 13.62 -31.61
CA ALA B 299 -20.25 12.90 -31.48
C ALA B 299 -20.38 12.22 -30.08
N SER B 300 -19.25 11.72 -29.58
CA SER B 300 -19.24 11.06 -28.28
C SER B 300 -19.70 12.01 -27.20
N GLN B 301 -19.13 13.21 -27.18
CA GLN B 301 -19.47 14.15 -26.08
C GLN B 301 -20.93 14.50 -26.13
N ARG B 302 -21.42 14.62 -27.37
CA ARG B 302 -22.79 14.95 -27.63
C ARG B 302 -23.66 13.84 -27.12
N CYS B 303 -23.36 12.64 -27.55
CA CYS B 303 -24.15 11.49 -27.14
C CYS B 303 -24.23 11.33 -25.58
N LEU B 304 -23.07 11.44 -24.94
CA LEU B 304 -22.98 11.36 -23.47
C LEU B 304 -23.97 12.29 -22.89
N LEU B 305 -23.93 13.54 -23.34
CA LEU B 305 -24.81 14.55 -22.74
C LEU B 305 -26.28 14.35 -23.07
N GLU B 306 -26.57 13.90 -24.27
CA GLU B 306 -27.98 13.47 -24.53
C GLU B 306 -28.46 12.43 -23.49
N ILE B 307 -27.66 11.39 -23.30
CA ILE B 307 -28.12 10.26 -22.47
C ILE B 307 -28.26 10.70 -21.04
N LEU B 308 -27.36 11.55 -20.54
CA LEU B 308 -27.52 12.01 -19.17
C LEU B 308 -28.83 12.80 -18.94
N ARG B 309 -29.15 13.67 -19.92
CA ARG B 309 -30.36 14.52 -19.80
C ARG B 309 -31.69 13.72 -19.76
N THR B 310 -31.77 12.72 -20.60
CA THR B 310 -32.83 11.70 -20.50
C THR B 310 -32.97 11.00 -19.11
N PHE B 311 -31.86 10.44 -18.62
CA PHE B 311 -31.87 9.90 -17.24
C PHE B 311 -32.39 10.99 -16.30
N GLU B 312 -31.95 12.23 -16.53
CA GLU B 312 -32.46 13.28 -15.63
C GLU B 312 -33.97 13.49 -15.80
N ARG B 313 -34.45 13.36 -17.03
CA ARG B 313 -35.92 13.48 -17.24
C ARG B 313 -36.64 12.39 -16.47
N ALA B 314 -36.02 11.20 -16.53
CA ALA B 314 -36.56 9.98 -15.89
C ALA B 314 -36.73 10.15 -14.44
N HIS B 315 -35.83 10.90 -13.84
CA HIS B 315 -36.12 11.33 -12.51
C HIS B 315 -37.49 11.99 -12.47
N GLN B 316 -37.69 13.11 -13.16
CA GLN B 316 -38.95 13.84 -12.88
C GLN B 316 -40.13 13.11 -13.42
N VAL B 317 -39.94 12.31 -14.44
CA VAL B 317 -41.03 11.48 -14.89
C VAL B 317 -41.38 10.60 -13.70
N THR B 318 -40.39 9.93 -13.16
CA THR B 318 -40.68 9.00 -12.09
C THR B 318 -41.34 9.68 -10.93
N TYR B 319 -40.83 10.84 -10.53
CA TYR B 319 -41.33 11.42 -9.29
C TYR B 319 -42.58 12.29 -9.51
N SER B 320 -43.03 12.40 -10.74
CA SER B 320 -44.28 13.09 -10.98
C SER B 320 -45.41 12.28 -10.33
N GLN B 321 -45.23 10.95 -10.22
CA GLN B 321 -46.17 10.06 -9.49
C GLN B 321 -46.08 10.04 -7.97
N SER B 322 -45.53 11.07 -7.35
CA SER B 322 -45.21 10.98 -5.93
C SER B 322 -46.38 10.69 -4.98
N PRO B 323 -47.57 11.24 -5.24
CA PRO B 323 -48.68 10.88 -4.32
C PRO B 323 -49.05 9.38 -4.40
N LYS B 324 -48.97 8.80 -5.60
CA LYS B 324 -49.20 7.37 -5.76
C LYS B 324 -48.04 6.47 -5.14
N ILE B 325 -46.83 7.04 -5.02
CA ILE B 325 -45.73 6.37 -4.40
C ILE B 325 -45.94 6.36 -2.89
N ALA B 326 -46.44 7.44 -2.33
CA ALA B 326 -46.60 7.47 -0.89
C ALA B 326 -47.75 6.58 -0.41
N THR B 327 -48.68 6.36 -1.33
CA THR B 327 -49.87 5.62 -1.00
C THR B 327 -49.47 4.16 -0.90
N LEU B 328 -48.65 3.73 -1.83
CA LEU B 328 -48.05 2.44 -1.71
C LEU B 328 -47.16 2.35 -0.43
N MET B 329 -46.37 3.37 -0.16
CA MET B 329 -45.44 3.30 0.95
C MET B 329 -46.23 3.05 2.22
N LYS B 330 -47.33 3.78 2.41
CA LYS B 330 -48.23 3.53 3.56
C LYS B 330 -48.76 2.09 3.60
N SER B 331 -49.12 1.56 2.43
CA SER B 331 -49.68 0.20 2.37
C SER B 331 -48.63 -0.76 2.85
N VAL B 332 -47.46 -0.71 2.20
CA VAL B 332 -46.32 -1.56 2.54
C VAL B 332 -45.99 -1.51 4.05
N SER B 333 -45.97 -0.30 4.59
CA SER B 333 -45.63 -0.07 5.97
C SER B 333 -46.65 -0.73 6.90
N THR B 334 -47.94 -0.55 6.60
CA THR B 334 -49.00 -1.10 7.42
C THR B 334 -48.96 -2.61 7.42
N SER B 335 -48.75 -3.22 6.26
CA SER B 335 -48.54 -4.67 6.26
C SER B 335 -47.44 -5.14 7.24
N LEU B 336 -46.25 -4.55 7.17
CA LEU B 336 -45.15 -4.99 8.04
C LEU B 336 -45.37 -4.64 9.51
N GLU B 337 -46.11 -3.56 9.73
CA GLU B 337 -46.54 -3.15 11.05
C GLU B 337 -47.40 -4.21 11.73
N LYS B 338 -48.24 -4.88 10.94
CA LYS B 338 -49.10 -5.96 11.46
C LYS B 338 -48.49 -7.32 11.26
N LYS B 339 -47.16 -7.37 11.13
CA LYS B 339 -46.42 -8.63 10.92
C LYS B 339 -46.85 -9.42 9.73
N GLY B 340 -47.43 -8.75 8.74
CA GLY B 340 -47.62 -9.34 7.43
C GLY B 340 -46.37 -9.26 6.59
N HIS B 341 -46.55 -9.52 5.29
CA HIS B 341 -45.48 -9.61 4.34
C HIS B 341 -45.77 -8.79 3.10
N VAL B 342 -44.71 -8.52 2.34
CA VAL B 342 -44.79 -7.71 1.15
C VAL B 342 -44.13 -8.48 0.05
N TYR B 343 -44.86 -8.58 -1.05
CA TYR B 343 -44.44 -9.40 -2.17
C TYR B 343 -44.31 -8.42 -3.32
N LEU B 344 -43.20 -8.51 -4.04
CA LEU B 344 -42.93 -7.59 -5.14
C LEU B 344 -42.77 -8.48 -6.33
N VAL B 345 -43.77 -8.48 -7.20
CA VAL B 345 -43.86 -9.51 -8.22
C VAL B 345 -43.53 -8.94 -9.57
N GLY B 346 -42.59 -9.53 -10.27
CA GLY B 346 -41.94 -8.77 -11.30
C GLY B 346 -41.62 -9.47 -12.54
N TRP B 347 -41.80 -8.72 -13.63
CA TRP B 347 -41.48 -9.25 -14.96
C TRP B 347 -40.16 -8.76 -15.45
N GLN B 348 -39.45 -9.66 -16.12
CA GLN B 348 -38.25 -9.29 -16.74
C GLN B 348 -37.28 -8.80 -15.65
N THR B 349 -36.33 -8.05 -16.14
CA THR B 349 -35.34 -7.31 -15.41
C THR B 349 -35.89 -6.52 -14.25
N LEU B 350 -37.11 -6.08 -14.40
CA LEU B 350 -37.74 -5.36 -13.35
C LEU B 350 -38.05 -6.29 -12.15
N GLY B 351 -38.15 -7.59 -12.40
CA GLY B 351 -38.29 -8.54 -11.34
C GLY B 351 -36.96 -8.77 -10.63
N ILE B 352 -35.88 -8.86 -11.37
CA ILE B 352 -34.54 -8.83 -10.77
C ILE B 352 -34.37 -7.64 -9.81
N ILE B 353 -34.76 -6.45 -10.25
CA ILE B 353 -34.65 -5.29 -9.42
C ILE B 353 -35.50 -5.42 -8.20
N ALA B 354 -36.67 -6.04 -8.37
CA ALA B 354 -37.56 -6.34 -7.27
C ALA B 354 -36.90 -7.28 -6.26
N ILE B 355 -36.29 -8.32 -6.77
CA ILE B 355 -35.56 -9.24 -5.92
C ILE B 355 -34.44 -8.50 -5.16
N MET B 356 -33.62 -7.71 -5.86
CA MET B 356 -32.56 -6.97 -5.24
C MET B 356 -33.05 -6.09 -4.10
N ASP B 357 -34.14 -5.39 -4.27
CA ASP B 357 -34.46 -4.42 -3.26
C ASP B 357 -34.95 -5.12 -1.97
N GLY B 358 -35.70 -6.22 -2.15
CA GLY B 358 -36.19 -6.96 -1.02
C GLY B 358 -35.06 -7.57 -0.20
N VAL B 359 -34.14 -8.20 -0.88
CA VAL B 359 -32.98 -8.78 -0.27
C VAL B 359 -32.17 -7.71 0.48
N GLU B 360 -32.04 -6.53 -0.12
CA GLU B 360 -31.23 -5.49 0.49
C GLU B 360 -31.86 -4.99 1.79
N CYS B 361 -33.18 -5.16 1.93
CA CYS B 361 -33.84 -4.69 3.17
C CYS B 361 -33.38 -5.52 4.40
N ILE B 362 -32.81 -6.71 4.13
CA ILE B 362 -32.33 -7.66 5.13
C ILE B 362 -31.20 -7.01 5.91
N HIS B 363 -30.16 -6.61 5.18
CA HIS B 363 -29.08 -5.97 5.90
C HIS B 363 -29.37 -4.54 6.20
N THR B 364 -30.17 -3.87 5.38
CA THR B 364 -30.35 -2.45 5.59
C THR B 364 -31.17 -2.19 6.83
N PHE B 365 -32.27 -2.93 7.00
CA PHE B 365 -33.17 -2.61 8.07
C PHE B 365 -33.38 -3.71 9.08
N GLY B 366 -32.55 -4.75 9.07
CA GLY B 366 -32.78 -5.86 10.01
C GLY B 366 -33.99 -6.73 9.62
N ALA B 367 -34.46 -6.61 8.38
CA ALA B 367 -35.69 -7.27 8.01
C ALA B 367 -35.42 -8.76 7.81
N ASP B 368 -36.42 -9.57 8.11
CA ASP B 368 -36.46 -10.98 7.64
C ASP B 368 -36.58 -10.97 6.13
N PHE B 369 -36.09 -12.03 5.52
CA PHE B 369 -36.23 -12.30 4.14
C PHE B 369 -37.63 -12.16 3.50
N ARG B 370 -38.68 -12.45 4.26
CA ARG B 370 -40.02 -12.49 3.71
C ARG B 370 -40.75 -11.17 3.90
N ASP B 371 -40.17 -10.26 4.68
CA ASP B 371 -40.76 -8.98 4.96
C ASP B 371 -40.98 -8.20 3.66
N VAL B 372 -39.96 -8.15 2.80
CA VAL B 372 -40.12 -7.51 1.51
C VAL B 372 -39.39 -8.37 0.54
N ARG B 373 -40.16 -9.18 -0.15
CA ARG B 373 -39.59 -10.21 -0.98
C ARG B 373 -39.99 -10.10 -2.44
N GLY B 374 -39.01 -10.23 -3.32
CA GLY B 374 -39.21 -10.01 -4.71
C GLY B 374 -39.37 -11.32 -5.44
N PHE B 375 -40.10 -11.28 -6.53
CA PHE B 375 -40.23 -12.45 -7.40
C PHE B 375 -40.08 -12.09 -8.86
N LEU B 376 -39.42 -13.00 -9.58
CA LEU B 376 -39.32 -12.95 -11.00
C LEU B 376 -40.17 -14.04 -11.63
N ILE B 377 -41.17 -13.63 -12.39
CA ILE B 377 -42.08 -14.56 -13.12
C ILE B 377 -41.63 -14.82 -14.55
N GLY B 378 -41.49 -16.09 -14.92
CA GLY B 378 -41.10 -16.50 -16.30
C GLY B 378 -39.61 -16.72 -16.46
N GLN B 393 -32.40 -21.01 -6.58
CA GLN B 393 -31.20 -21.31 -5.81
C GLN B 393 -31.17 -20.51 -4.49
N GLY B 394 -30.96 -21.20 -3.36
CA GLY B 394 -31.06 -20.60 -2.02
C GLY B 394 -32.52 -20.70 -1.60
N PRO B 395 -33.15 -19.58 -1.22
CA PRO B 395 -34.60 -19.47 -1.42
C PRO B 395 -34.90 -19.19 -2.90
N GLN B 396 -36.08 -19.60 -3.35
CA GLN B 396 -36.45 -19.48 -4.74
C GLN B 396 -36.83 -18.04 -5.08
N PHE B 397 -36.34 -17.57 -6.24
CA PHE B 397 -36.68 -16.22 -6.77
C PHE B 397 -37.29 -16.20 -8.21
N THR B 398 -36.93 -17.17 -9.04
CA THR B 398 -37.54 -17.35 -10.37
C THR B 398 -38.66 -18.43 -10.36
N PHE B 399 -39.90 -17.99 -10.66
CA PHE B 399 -41.09 -18.84 -10.72
C PHE B 399 -41.78 -18.83 -12.09
N SER B 400 -42.17 -19.99 -12.62
CA SER B 400 -43.31 -20.03 -13.59
C SER B 400 -44.57 -19.43 -12.95
N GLN B 401 -45.55 -19.12 -13.78
CA GLN B 401 -46.91 -18.77 -13.32
C GLN B 401 -47.53 -19.84 -12.40
N GLU B 402 -47.52 -21.09 -12.87
CA GLU B 402 -48.22 -22.16 -12.15
C GLU B 402 -47.47 -22.34 -10.83
N ASP B 403 -46.14 -22.47 -10.96
CA ASP B 403 -45.23 -22.61 -9.82
C ASP B 403 -45.46 -21.53 -8.83
N PHE B 404 -45.70 -20.30 -9.28
CA PHE B 404 -46.01 -19.22 -8.33
C PHE B 404 -47.40 -19.38 -7.72
N LEU B 405 -48.37 -19.70 -8.56
CA LEU B 405 -49.75 -19.84 -8.05
C LEU B 405 -49.95 -21.00 -7.09
N THR B 406 -49.23 -22.09 -7.35
CA THR B 406 -49.22 -23.24 -6.47
C THR B 406 -48.52 -22.91 -5.17
N SER B 407 -47.24 -22.52 -5.30
CA SER B 407 -46.29 -22.56 -4.21
C SER B 407 -46.33 -21.33 -3.32
N ILE B 408 -46.85 -20.20 -3.81
CA ILE B 408 -46.81 -18.93 -3.10
C ILE B 408 -48.17 -18.34 -2.83
N LEU B 409 -49.08 -18.45 -3.78
CA LEU B 409 -50.43 -17.94 -3.49
C LEU B 409 -50.98 -18.40 -2.11
N PRO B 410 -50.74 -19.69 -1.72
CA PRO B 410 -51.34 -20.18 -0.45
C PRO B 410 -50.92 -19.43 0.84
N SER B 411 -49.71 -18.90 0.91
CA SER B 411 -49.27 -18.21 2.12
C SER B 411 -49.82 -16.79 2.23
N LEU B 412 -50.53 -16.32 1.22
CA LEU B 412 -50.99 -14.96 1.27
C LEU B 412 -52.14 -14.85 2.24
N THR B 413 -52.18 -13.71 2.92
CA THR B 413 -53.12 -13.37 3.96
C THR B 413 -53.65 -12.00 3.51
N GLU B 414 -54.72 -11.51 4.13
CA GLU B 414 -55.39 -10.30 3.67
C GLU B 414 -54.79 -9.01 4.24
N ILE B 415 -53.82 -9.16 5.12
CA ILE B 415 -53.07 -7.98 5.61
C ILE B 415 -51.88 -7.71 4.73
N ASP B 416 -51.54 -8.67 3.86
CA ASP B 416 -50.39 -8.56 2.97
C ASP B 416 -50.62 -7.58 1.85
N THR B 417 -49.51 -6.96 1.44
CA THR B 417 -49.49 -6.12 0.25
C THR B 417 -48.70 -6.81 -0.85
N VAL B 418 -49.25 -6.83 -2.05
CA VAL B 418 -48.56 -7.36 -3.24
C VAL B 418 -48.39 -6.29 -4.31
N VAL B 419 -47.18 -6.14 -4.86
CA VAL B 419 -46.94 -5.11 -5.90
C VAL B 419 -46.51 -5.78 -7.18
N PHE B 420 -47.19 -5.43 -8.28
CA PHE B 420 -46.82 -5.97 -9.62
C PHE B 420 -46.05 -4.94 -10.45
N ILE B 421 -45.00 -5.40 -11.10
CA ILE B 421 -44.14 -4.51 -11.80
C ILE B 421 -43.89 -5.09 -13.17
N PHE B 422 -44.31 -4.36 -14.19
CA PHE B 422 -44.29 -4.87 -15.54
C PHE B 422 -44.41 -3.72 -16.52
N THR B 423 -44.07 -4.03 -17.79
CA THR B 423 -44.29 -3.18 -18.97
C THR B 423 -45.37 -3.75 -19.91
N LEU B 424 -46.00 -2.85 -20.67
CA LEU B 424 -47.08 -3.26 -21.57
C LEU B 424 -46.54 -4.08 -22.71
N ASP B 425 -45.23 -4.32 -22.76
CA ASP B 425 -44.65 -5.19 -23.78
C ASP B 425 -44.43 -6.64 -23.31
N ASP B 426 -44.77 -6.90 -22.07
CA ASP B 426 -44.49 -8.20 -21.42
C ASP B 426 -45.68 -9.07 -21.81
N ASN B 427 -45.78 -10.25 -21.19
CA ASN B 427 -46.95 -11.15 -21.29
C ASN B 427 -48.12 -10.73 -20.34
N LEU B 428 -49.09 -9.96 -20.82
CA LEU B 428 -50.13 -9.38 -19.96
C LEU B 428 -51.33 -10.30 -19.69
N THR B 429 -51.32 -11.45 -20.33
CA THR B 429 -52.29 -12.48 -20.00
C THR B 429 -51.83 -13.03 -18.66
N GLU B 430 -50.63 -13.62 -18.70
CA GLU B 430 -49.82 -14.03 -17.53
C GLU B 430 -49.93 -13.08 -16.33
N VAL B 431 -49.85 -11.77 -16.58
CA VAL B 431 -50.03 -10.80 -15.47
C VAL B 431 -51.39 -11.05 -14.93
N GLN B 432 -52.40 -10.71 -15.73
CA GLN B 432 -53.80 -10.74 -15.25
C GLN B 432 -54.23 -12.07 -14.65
N THR B 433 -53.75 -13.18 -15.19
CA THR B 433 -53.94 -14.48 -14.51
C THR B 433 -53.57 -14.27 -13.03
N ILE B 434 -52.28 -14.03 -12.82
CA ILE B 434 -51.67 -14.15 -11.50
C ILE B 434 -52.35 -13.19 -10.57
N VAL B 435 -52.62 -12.00 -11.07
CA VAL B 435 -53.21 -10.99 -10.21
C VAL B 435 -54.66 -11.29 -9.89
N GLU B 436 -55.32 -12.06 -10.77
CA GLU B 436 -56.71 -12.52 -10.51
C GLU B 436 -56.71 -13.38 -9.25
N GLN B 437 -55.91 -14.43 -9.28
CA GLN B 437 -55.89 -15.40 -8.20
C GLN B 437 -55.37 -14.73 -6.90
N VAL B 438 -54.25 -13.98 -6.97
CA VAL B 438 -53.77 -13.17 -5.83
C VAL B 438 -54.85 -12.28 -5.21
N LYS B 439 -55.63 -11.67 -6.07
CA LYS B 439 -56.60 -10.65 -5.62
C LYS B 439 -57.60 -11.18 -4.57
N GLU B 440 -57.98 -12.44 -4.70
CA GLU B 440 -58.92 -13.01 -3.76
C GLU B 440 -58.38 -13.11 -2.34
N LYS B 441 -57.06 -13.31 -2.20
CA LYS B 441 -56.45 -13.52 -0.89
C LYS B 441 -56.22 -12.17 -0.15
N THR B 442 -55.95 -11.13 -0.91
CA THR B 442 -55.83 -9.81 -0.30
C THR B 442 -56.33 -8.72 -1.22
N ASN B 443 -56.83 -7.67 -0.59
CA ASN B 443 -57.23 -6.46 -1.27
C ASN B 443 -56.05 -5.51 -1.55
N HIS B 444 -55.02 -5.52 -0.69
CA HIS B 444 -53.91 -4.55 -0.79
C HIS B 444 -52.92 -4.87 -1.92
N ILE B 445 -53.31 -4.58 -3.14
CA ILE B 445 -52.44 -4.79 -4.31
C ILE B 445 -52.30 -3.45 -4.99
N GLN B 446 -51.17 -3.21 -5.65
CA GLN B 446 -50.89 -1.91 -6.27
C GLN B 446 -50.05 -2.33 -7.50
N ALA B 447 -49.97 -1.46 -8.51
CA ALA B 447 -49.15 -1.80 -9.68
C ALA B 447 -48.27 -0.67 -10.08
N LEU B 448 -47.21 -1.02 -10.82
CA LEU B 448 -46.24 -0.06 -11.31
C LEU B 448 -46.01 -0.46 -12.71
N ALA B 449 -46.59 0.27 -13.67
CA ALA B 449 -46.54 -0.24 -15.06
C ALA B 449 -45.95 0.77 -16.05
N HIS B 450 -45.09 0.29 -16.92
CA HIS B 450 -44.34 1.15 -17.80
C HIS B 450 -44.88 1.01 -19.21
N SER B 451 -45.24 2.13 -19.82
CA SER B 451 -45.70 2.16 -21.21
C SER B 451 -45.02 3.26 -21.99
N THR B 452 -44.99 3.09 -23.31
CA THR B 452 -44.75 4.19 -24.24
C THR B 452 -46.08 4.89 -24.56
N VAL B 453 -46.12 6.22 -24.48
CA VAL B 453 -47.37 6.99 -24.72
C VAL B 453 -47.88 6.55 -26.08
N GLY B 454 -49.19 6.36 -26.16
CA GLY B 454 -49.78 5.43 -27.12
C GLY B 454 -50.33 4.32 -26.23
N GLN B 455 -49.89 3.09 -26.50
CA GLN B 455 -50.13 1.89 -25.66
C GLN B 455 -51.21 2.01 -24.59
N THR B 456 -52.16 1.10 -24.54
CA THR B 456 -53.33 1.30 -23.65
C THR B 456 -53.45 0.11 -22.72
N LEU B 457 -53.95 0.35 -21.50
CA LEU B 457 -53.91 -0.71 -20.48
C LEU B 457 -55.15 -1.64 -20.52
N PRO B 458 -55.00 -2.90 -21.06
CA PRO B 458 -56.13 -3.83 -21.10
C PRO B 458 -57.08 -3.69 -19.92
N ILE B 459 -58.36 -3.62 -20.29
CA ILE B 459 -59.47 -3.17 -19.43
C ILE B 459 -59.79 -4.12 -18.24
N PRO B 460 -59.63 -5.47 -18.43
CA PRO B 460 -59.61 -6.27 -17.21
C PRO B 460 -58.52 -5.78 -16.23
N LEU B 461 -57.25 -5.76 -16.68
CA LEU B 461 -56.13 -5.31 -15.85
C LEU B 461 -56.42 -3.97 -15.19
N LYS B 462 -57.01 -3.05 -15.91
CA LYS B 462 -57.35 -1.75 -15.32
C LYS B 462 -58.49 -1.88 -14.29
N LYS B 463 -59.45 -2.78 -14.56
CA LYS B 463 -60.47 -3.15 -13.55
C LYS B 463 -59.78 -3.44 -12.22
N LEU B 464 -58.80 -4.34 -12.28
CA LEU B 464 -58.03 -4.77 -11.11
C LEU B 464 -57.30 -3.65 -10.30
N PHE B 465 -56.68 -2.66 -10.94
CA PHE B 465 -55.98 -1.59 -10.17
C PHE B 465 -56.71 -0.25 -10.26
N PRO B 466 -57.45 0.10 -9.19
CA PRO B 466 -58.10 1.44 -9.22
C PRO B 466 -57.12 2.59 -9.55
N SER B 467 -56.00 2.67 -8.81
CA SER B 467 -55.03 3.79 -8.90
C SER B 467 -53.66 3.38 -9.42
N ILE B 468 -53.61 2.62 -10.51
CA ILE B 468 -52.32 2.09 -11.00
C ILE B 468 -51.26 3.20 -11.15
N ILE B 469 -50.03 2.86 -10.74
CA ILE B 469 -48.86 3.74 -10.89
C ILE B 469 -48.31 3.49 -12.24
N SER B 470 -48.86 4.21 -13.20
CA SER B 470 -48.47 4.06 -14.58
C SER B 470 -47.47 5.15 -14.80
N ILE B 471 -46.36 4.76 -15.39
CA ILE B 471 -45.26 5.66 -15.68
C ILE B 471 -45.28 5.51 -17.16
N THR B 472 -45.60 6.61 -17.83
CA THR B 472 -45.79 6.57 -19.29
C THR B 472 -44.66 7.39 -19.94
N TRP B 473 -43.92 6.77 -20.85
CA TRP B 473 -42.71 7.37 -21.43
C TRP B 473 -43.02 7.99 -22.79
N PRO B 474 -42.64 9.24 -23.00
CA PRO B 474 -42.59 9.83 -24.34
C PRO B 474 -41.89 8.92 -25.34
N LEU B 475 -42.20 9.08 -26.62
CA LEU B 475 -41.49 8.42 -27.72
C LEU B 475 -40.09 9.03 -27.85
N LEU B 476 -39.15 8.30 -28.44
CA LEU B 476 -37.72 8.67 -28.37
C LEU B 476 -36.94 7.80 -29.33
N PHE B 477 -36.27 8.41 -30.30
CA PHE B 477 -35.56 7.62 -31.28
C PHE B 477 -34.68 6.64 -30.49
N PHE B 478 -34.46 5.46 -31.08
CA PHE B 478 -33.43 4.56 -30.60
C PHE B 478 -32.70 3.87 -31.75
N GLU B 479 -31.46 3.55 -31.50
CA GLU B 479 -30.57 3.07 -32.53
C GLU B 479 -30.62 1.55 -32.67
N TYR B 480 -30.79 0.83 -31.58
CA TYR B 480 -30.58 -0.58 -31.63
C TYR B 480 -31.92 -1.26 -31.42
N GLU B 481 -32.09 -2.48 -31.96
CA GLU B 481 -33.35 -3.23 -31.81
C GLU B 481 -33.74 -3.35 -30.33
N GLY B 482 -32.78 -3.72 -29.48
CA GLY B 482 -33.03 -3.76 -28.03
C GLY B 482 -33.82 -2.63 -27.37
N ASN B 483 -33.75 -1.41 -27.94
CA ASN B 483 -34.22 -0.21 -27.26
C ASN B 483 -33.65 -0.14 -25.82
N PHE B 484 -32.33 -0.17 -25.80
CA PHE B 484 -31.61 -0.26 -24.55
C PHE B 484 -31.88 0.99 -23.73
N ILE B 485 -32.04 2.13 -24.41
CA ILE B 485 -32.25 3.37 -23.69
C ILE B 485 -33.53 3.28 -22.92
N GLN B 486 -34.50 2.56 -23.48
CA GLN B 486 -35.79 2.47 -22.82
C GLN B 486 -35.68 1.51 -21.59
N LYS B 487 -34.89 0.47 -21.75
CA LYS B 487 -34.66 -0.54 -20.69
C LYS B 487 -34.11 0.18 -19.46
N PHE B 488 -33.05 0.95 -19.71
CA PHE B 488 -32.35 1.71 -18.68
C PHE B 488 -33.22 2.69 -17.97
N GLN B 489 -34.05 3.43 -18.71
CA GLN B 489 -35.03 4.32 -18.07
C GLN B 489 -35.99 3.56 -17.15
N ARG B 490 -36.45 2.43 -17.61
CA ARG B 490 -37.40 1.64 -16.83
C ARG B 490 -36.70 0.94 -15.66
N GLU B 491 -35.53 0.37 -15.88
CA GLU B 491 -34.79 -0.22 -14.76
C GLU B 491 -34.60 0.88 -13.70
N LEU B 492 -34.17 2.08 -14.12
CA LEU B 492 -33.91 3.11 -13.13
C LEU B 492 -35.12 3.60 -12.44
N SER B 493 -36.18 3.83 -13.22
CA SER B 493 -37.40 4.32 -12.59
C SER B 493 -37.94 3.29 -11.57
N THR B 494 -37.83 2.02 -11.96
CA THR B 494 -38.29 0.96 -11.03
C THR B 494 -37.39 0.97 -9.72
N LYS B 495 -36.09 1.07 -9.92
CA LYS B 495 -35.21 1.14 -8.76
C LYS B 495 -35.60 2.23 -7.82
N TRP B 496 -35.93 3.43 -8.34
CA TRP B 496 -36.18 4.58 -7.46
C TRP B 496 -37.42 4.38 -6.68
N VAL B 497 -38.43 3.88 -7.36
CA VAL B 497 -39.73 3.73 -6.72
C VAL B 497 -39.66 2.73 -5.57
N LEU B 498 -39.19 1.55 -5.86
CA LEU B 498 -39.05 0.49 -4.82
C LEU B 498 -38.10 0.90 -3.68
N ASN B 499 -36.92 1.45 -4.06
CA ASN B 499 -35.96 1.95 -3.06
C ASN B 499 -36.68 2.85 -2.08
N THR B 500 -37.46 3.80 -2.63
CA THR B 500 -38.14 4.82 -1.82
C THR B 500 -39.26 4.21 -0.98
N VAL B 501 -39.95 3.25 -1.57
CA VAL B 501 -41.01 2.59 -0.85
C VAL B 501 -40.43 1.74 0.29
N SER B 502 -39.50 0.87 -0.05
CA SER B 502 -38.92 -0.01 0.99
C SER B 502 -38.36 0.83 2.10
N THR B 503 -37.58 1.85 1.73
CA THR B 503 -36.90 2.67 2.72
C THR B 503 -37.89 3.46 3.52
N GLY B 504 -38.83 4.12 2.87
CA GLY B 504 -39.83 4.87 3.69
C GLY B 504 -40.76 3.98 4.52
N ALA B 505 -41.02 2.76 4.02
CA ALA B 505 -41.91 1.88 4.80
C ALA B 505 -41.30 1.63 6.20
N HIS B 506 -39.99 1.37 6.25
CA HIS B 506 -39.33 1.15 7.52
C HIS B 506 -39.15 2.40 8.36
N VAL B 507 -38.96 3.53 7.71
CA VAL B 507 -38.86 4.74 8.42
C VAL B 507 -40.18 5.01 9.12
N LEU B 508 -41.29 4.75 8.44
CA LEU B 508 -42.59 5.06 9.07
C LEU B 508 -42.81 4.18 10.30
N LEU B 509 -42.22 2.98 10.32
CA LEU B 509 -42.27 2.15 11.52
C LEU B 509 -41.41 2.66 12.68
N GLY B 510 -40.69 3.78 12.53
CA GLY B 510 -39.81 4.27 13.61
C GLY B 510 -38.46 3.57 13.77
N LYS B 511 -38.03 2.86 12.73
CA LYS B 511 -36.74 2.13 12.66
C LYS B 511 -35.48 2.99 12.49
N ILE B 512 -35.65 4.25 12.15
CA ILE B 512 -34.52 5.06 11.76
C ILE B 512 -34.47 6.16 12.73
N LEU B 513 -33.23 6.46 13.12
CA LEU B 513 -32.99 7.50 14.09
C LEU B 513 -32.53 8.71 13.33
N GLN B 514 -33.41 9.71 13.25
CA GLN B 514 -33.17 10.89 12.43
C GLN B 514 -33.05 10.49 10.94
N ASN B 515 -31.82 10.34 10.42
CA ASN B 515 -31.57 9.73 9.14
C ASN B 515 -30.45 8.69 9.27
N HIS B 516 -30.34 8.08 10.44
CA HIS B 516 -29.37 6.98 10.58
C HIS B 516 -30.08 5.69 10.90
N MET B 517 -29.53 4.59 10.40
CA MET B 517 -29.87 3.28 10.90
C MET B 517 -28.85 2.90 12.00
N LEU B 518 -29.23 3.18 13.22
CA LEU B 518 -28.41 2.90 14.37
C LEU B 518 -28.28 1.43 14.55
N ASP B 519 -29.37 0.70 14.50
CA ASP B 519 -29.32 -0.72 14.78
C ASP B 519 -28.99 -1.59 13.58
N LEU B 520 -27.83 -1.39 12.97
CA LEU B 520 -27.45 -2.26 11.88
C LEU B 520 -26.61 -3.45 12.38
N ARG B 521 -26.60 -4.49 11.57
CA ARG B 521 -25.78 -5.65 11.84
C ARG B 521 -24.40 -5.34 11.34
N ILE B 522 -23.38 -5.54 12.19
CA ILE B 522 -22.00 -5.24 11.79
C ILE B 522 -21.45 -6.43 11.07
N SER B 523 -21.38 -6.35 9.73
CA SER B 523 -20.99 -7.47 8.94
C SER B 523 -19.81 -7.24 8.03
N ASN B 524 -19.24 -6.06 8.10
CA ASN B 524 -17.98 -5.84 7.45
C ASN B 524 -17.35 -4.64 8.14
N SER B 525 -16.15 -4.35 7.72
CA SER B 525 -15.35 -3.32 8.33
C SER B 525 -15.93 -1.91 8.15
N LYS B 526 -16.46 -1.61 6.97
CA LYS B 526 -17.16 -0.36 6.76
C LYS B 526 -18.31 -0.21 7.74
N LEU B 527 -19.04 -1.28 8.02
CA LEU B 527 -20.16 -1.21 8.94
C LEU B 527 -19.65 -1.06 10.36
N PHE B 528 -18.48 -1.60 10.63
CA PHE B 528 -17.83 -1.39 11.95
C PHE B 528 -17.54 0.10 12.18
N TRP B 529 -16.95 0.73 11.20
CA TRP B 529 -16.64 2.17 11.34
C TRP B 529 -17.82 3.06 11.36
N ARG B 530 -18.89 2.64 10.67
CA ARG B 530 -20.10 3.42 10.69
C ARG B 530 -20.73 3.26 12.08
N ALA B 531 -20.67 2.09 12.68
CA ALA B 531 -21.22 1.94 14.01
C ALA B 531 -20.48 2.86 14.97
N LEU B 532 -19.18 2.91 14.85
CA LEU B 532 -18.39 3.70 15.78
C LEU B 532 -18.67 5.17 15.59
N ALA B 533 -18.76 5.60 14.35
CA ALA B 533 -19.07 7.00 14.06
C ALA B 533 -20.42 7.39 14.63
N MET B 534 -21.37 6.48 14.57
CA MET B 534 -22.68 6.71 15.18
C MET B 534 -22.64 6.74 16.70
N LEU B 535 -21.81 5.91 17.31
CA LEU B 535 -21.60 6.02 18.75
C LEU B 535 -21.03 7.38 19.16
N GLN B 536 -20.04 7.83 18.44
CA GLN B 536 -19.53 9.16 18.65
C GLN B 536 -20.63 10.22 18.45
N ARG B 537 -21.35 10.13 17.36
CA ARG B 537 -22.33 11.16 17.11
C ARG B 537 -23.48 11.25 18.16
N PHE B 538 -23.98 10.13 18.62
CA PHE B 538 -25.16 10.16 19.51
C PHE B 538 -24.82 10.17 21.01
N SER B 539 -23.62 9.73 21.37
CA SER B 539 -23.15 9.77 22.74
C SER B 539 -22.41 11.08 22.99
N GLY B 540 -21.68 11.54 21.99
CA GLY B 540 -20.87 12.76 22.06
C GLY B 540 -19.68 12.54 22.97
N GLN B 541 -19.40 11.27 23.30
CA GLN B 541 -18.34 10.95 24.25
C GLN B 541 -17.12 10.57 23.47
N SER B 542 -16.03 10.39 24.18
CA SER B 542 -14.72 10.23 23.56
C SER B 542 -14.62 9.00 22.67
N LYS B 543 -13.61 9.07 21.84
CA LYS B 543 -13.24 8.01 20.98
C LYS B 543 -12.95 6.74 21.73
N ALA B 544 -12.10 6.81 22.73
CA ALA B 544 -11.70 5.60 23.40
C ALA B 544 -12.91 5.04 24.13
N ARG B 545 -13.77 5.90 24.64
CA ARG B 545 -14.95 5.40 25.33
C ARG B 545 -15.92 4.71 24.35
N CYS B 546 -16.08 5.29 23.15
CA CYS B 546 -16.93 4.70 22.12
C CYS B 546 -16.35 3.39 21.62
N ILE B 547 -15.03 3.34 21.40
CA ILE B 547 -14.42 2.12 20.94
C ILE B 547 -14.63 1.08 22.00
N GLU B 548 -14.43 1.47 23.26
CA GLU B 548 -14.58 0.49 24.33
C GLU B 548 -15.99 0.00 24.47
N SER B 549 -16.96 0.90 24.51
CA SER B 549 -18.32 0.40 24.56
C SER B 549 -18.59 -0.63 23.43
N LEU B 550 -18.10 -0.36 22.23
CA LEU B 550 -18.45 -1.16 21.03
C LEU B 550 -17.91 -2.53 21.11
N LEU B 551 -16.63 -2.62 21.41
CA LEU B 551 -16.00 -3.93 21.58
C LEU B 551 -16.60 -4.71 22.72
N ARG B 552 -16.98 -4.04 23.80
CA ARG B 552 -17.52 -4.79 24.94
C ARG B 552 -18.87 -5.36 24.54
N ALA B 553 -19.67 -4.53 23.88
CA ALA B 553 -21.00 -4.95 23.49
C ALA B 553 -20.87 -6.10 22.54
N ILE B 554 -19.86 -6.02 21.66
CA ILE B 554 -19.61 -7.05 20.69
C ILE B 554 -19.20 -8.38 21.30
N HIS B 555 -18.16 -8.37 22.12
CA HIS B 555 -17.68 -9.67 22.59
C HIS B 555 -18.25 -10.22 23.88
N PHE B 556 -19.15 -9.47 24.51
CA PHE B 556 -19.79 -9.90 25.76
C PHE B 556 -20.34 -11.27 25.51
N PRO B 557 -20.25 -12.18 26.49
CA PRO B 557 -19.75 -12.07 27.86
C PRO B 557 -18.23 -12.03 28.06
N GLN B 558 -17.43 -12.13 27.00
CA GLN B 558 -16.01 -12.03 27.14
C GLN B 558 -15.64 -10.62 27.54
N PRO B 559 -14.68 -10.48 28.46
CA PRO B 559 -14.13 -9.16 28.81
C PRO B 559 -13.12 -8.73 27.77
N LEU B 560 -12.96 -7.44 27.68
CA LEU B 560 -11.97 -6.81 26.85
C LEU B 560 -10.58 -7.19 27.28
N SER B 561 -9.86 -7.96 26.51
CA SER B 561 -8.51 -8.31 26.83
C SER B 561 -7.60 -7.52 25.93
N ASP B 562 -6.31 -7.58 26.15
CA ASP B 562 -5.36 -6.94 25.28
C ASP B 562 -5.45 -7.52 23.87
N ASP B 563 -5.57 -8.82 23.76
CA ASP B 563 -5.68 -9.45 22.49
C ASP B 563 -6.88 -8.99 21.68
N ILE B 564 -8.02 -8.77 22.36
CA ILE B 564 -9.23 -8.32 21.69
C ILE B 564 -8.94 -6.88 21.29
N ARG B 565 -8.39 -6.07 22.19
CA ARG B 565 -8.16 -4.66 21.81
C ARG B 565 -7.27 -4.54 20.58
N ALA B 566 -6.40 -5.51 20.37
CA ALA B 566 -5.41 -5.36 19.31
C ALA B 566 -5.77 -6.26 18.11
N ALA B 567 -6.91 -6.95 18.18
CA ALA B 567 -7.31 -7.89 17.16
C ALA B 567 -7.63 -7.15 15.83
N PRO B 568 -7.54 -7.86 14.70
CA PRO B 568 -7.92 -7.24 13.42
C PRO B 568 -9.40 -6.94 13.43
N ILE B 569 -9.81 -5.91 12.71
CA ILE B 569 -11.24 -5.61 12.61
C ILE B 569 -12.11 -6.81 12.22
N SER B 570 -11.71 -7.60 11.22
CA SER B 570 -12.44 -8.86 10.94
C SER B 570 -12.75 -9.71 12.19
N CYS B 571 -11.89 -9.68 13.23
CA CYS B 571 -12.22 -10.41 14.46
C CYS B 571 -13.56 -9.84 15.07
N HIS B 572 -13.67 -8.54 15.18
CA HIS B 572 -14.88 -8.01 15.78
C HIS B 572 -16.09 -8.27 14.88
N VAL B 573 -15.87 -8.08 13.57
CA VAL B 573 -16.97 -8.28 12.61
C VAL B 573 -17.56 -9.68 12.74
N GLN B 574 -16.69 -10.68 12.69
CA GLN B 574 -17.15 -12.08 12.75
C GLN B 574 -17.97 -12.30 14.02
N VAL B 575 -17.56 -11.71 15.14
CA VAL B 575 -18.32 -11.93 16.32
C VAL B 575 -19.61 -11.11 16.26
N ALA B 576 -19.53 -9.85 15.88
CA ALA B 576 -20.75 -9.02 15.87
C ALA B 576 -21.82 -9.46 14.90
N HIS B 577 -21.41 -10.06 13.81
CA HIS B 577 -22.34 -10.42 12.77
C HIS B 577 -23.38 -11.38 13.28
N GLU B 578 -23.00 -12.16 14.30
CA GLU B 578 -23.88 -13.16 14.84
C GLU B 578 -24.81 -12.62 15.90
N LYS B 579 -24.77 -11.34 16.26
CA LYS B 579 -25.50 -10.88 17.44
C LYS B 579 -26.57 -9.87 17.11
N GLU B 580 -27.40 -9.56 18.07
CA GLU B 580 -28.50 -8.62 17.90
C GLU B 580 -28.35 -7.33 18.75
N GLN B 581 -28.77 -6.20 18.20
CA GLN B 581 -28.83 -4.93 18.93
C GLN B 581 -27.48 -4.54 19.55
N VAL B 582 -26.39 -4.98 18.95
CA VAL B 582 -25.10 -4.59 19.41
C VAL B 582 -24.93 -3.07 19.56
N ILE B 583 -25.34 -2.29 18.57
CA ILE B 583 -25.05 -0.90 18.63
C ILE B 583 -25.91 -0.20 19.66
N PRO B 584 -27.21 -0.51 19.68
CA PRO B 584 -28.04 0.08 20.75
C PRO B 584 -27.55 -0.29 22.17
N ILE B 585 -27.11 -1.51 22.39
CA ILE B 585 -26.55 -1.84 23.69
C ILE B 585 -25.31 -1.00 23.97
N ALA B 586 -24.39 -0.91 22.99
CA ALA B 586 -23.21 -0.06 23.14
C ALA B 586 -23.57 1.38 23.39
N LEU B 587 -24.63 1.89 22.78
CA LEU B 587 -24.96 3.29 23.00
C LEU B 587 -25.57 3.47 24.43
N LEU B 588 -26.41 2.52 24.82
CA LEU B 588 -27.01 2.56 26.13
C LEU B 588 -25.93 2.57 27.22
N SER B 589 -24.96 1.64 27.11
CA SER B 589 -23.81 1.60 28.00
C SER B 589 -23.15 2.97 28.15
N LEU B 590 -22.95 3.63 27.02
CA LEU B 590 -22.35 4.96 26.99
C LEU B 590 -23.21 6.02 27.63
N LEU B 591 -24.47 6.11 27.24
CA LEU B 591 -25.31 7.19 27.74
C LEU B 591 -25.53 7.06 29.25
N PHE B 592 -25.83 5.85 29.71
CA PHE B 592 -26.03 5.62 31.13
C PHE B 592 -24.75 5.44 31.95
N ARG B 593 -23.58 5.47 31.31
CA ARG B 593 -22.37 5.12 31.99
C ARG B 593 -22.53 3.85 32.72
N CYS B 594 -23.04 2.81 32.08
CA CYS B 594 -23.24 1.56 32.78
C CYS B 594 -22.56 0.42 32.09
N SER B 595 -22.64 -0.78 32.65
CA SER B 595 -22.06 -1.96 32.01
C SER B 595 -22.97 -2.52 30.92
N ILE B 596 -22.43 -3.46 30.15
CA ILE B 596 -23.21 -4.22 29.15
C ILE B 596 -24.35 -4.99 29.82
N THR B 597 -24.01 -5.65 30.90
CA THR B 597 -24.94 -6.38 31.73
C THR B 597 -26.09 -5.47 32.10
N GLU B 598 -25.82 -4.23 32.52
CA GLU B 598 -26.92 -3.28 32.82
C GLU B 598 -27.66 -2.69 31.57
N ALA B 599 -26.96 -2.49 30.45
CA ALA B 599 -27.63 -1.99 29.23
C ALA B 599 -28.56 -3.07 28.64
N GLN B 600 -28.11 -4.30 28.50
CA GLN B 600 -28.99 -5.35 28.08
C GLN B 600 -30.27 -5.48 28.92
N ALA B 601 -30.18 -5.34 30.24
CA ALA B 601 -31.36 -5.58 31.11
C ALA B 601 -32.36 -4.49 30.90
N HIS B 602 -31.85 -3.28 30.80
CA HIS B 602 -32.60 -2.13 30.43
C HIS B 602 -33.24 -2.32 29.02
N LEU B 603 -32.44 -2.78 28.05
CA LEU B 603 -32.99 -3.05 26.73
C LEU B 603 -34.17 -4.00 26.87
N ALA B 604 -33.94 -5.17 27.43
CA ALA B 604 -34.99 -6.19 27.57
C ALA B 604 -36.20 -5.80 28.45
N ALA B 605 -36.12 -4.72 29.21
CA ALA B 605 -37.24 -4.27 30.01
C ALA B 605 -38.01 -3.16 29.32
N ALA B 606 -37.59 -2.75 28.14
CA ALA B 606 -38.21 -1.60 27.49
C ALA B 606 -39.29 -2.05 26.51
N PRO B 607 -40.23 -1.14 26.19
CA PRO B 607 -41.24 -1.43 25.17
C PRO B 607 -40.61 -1.98 23.87
N SER B 608 -39.73 -1.21 23.24
CA SER B 608 -39.03 -1.66 22.05
C SER B 608 -37.62 -1.14 22.08
N VAL B 609 -36.76 -1.77 21.30
CA VAL B 609 -35.44 -1.21 21.01
C VAL B 609 -35.51 0.30 20.78
N CYS B 610 -36.39 0.76 19.90
CA CYS B 610 -36.42 2.18 19.50
C CYS B 610 -36.82 3.13 20.64
N GLU B 611 -37.82 2.77 21.41
CA GLU B 611 -38.20 3.66 22.49
C GLU B 611 -37.10 3.73 23.55
N ALA B 612 -36.45 2.60 23.82
CA ALA B 612 -35.37 2.58 24.80
C ALA B 612 -34.26 3.51 24.36
N VAL B 613 -33.80 3.35 23.12
CA VAL B 613 -32.79 4.29 22.59
C VAL B 613 -33.28 5.72 22.72
N ARG B 614 -34.49 5.99 22.22
CA ARG B 614 -35.02 7.36 22.17
C ARG B 614 -35.17 8.04 23.52
N SER B 615 -35.78 7.33 24.48
CA SER B 615 -35.92 7.84 25.85
C SER B 615 -34.57 8.06 26.50
N ALA B 616 -33.65 7.13 26.27
CA ALA B 616 -32.28 7.33 26.76
C ALA B 616 -31.70 8.61 26.20
N LEU B 617 -31.89 8.87 24.91
CA LEU B 617 -31.28 10.06 24.35
C LEU B 617 -31.84 11.31 25.02
N ALA B 618 -33.15 11.31 25.33
CA ALA B 618 -33.87 12.54 25.70
C ALA B 618 -33.56 13.07 27.09
C7 2WY C . 12.98 10.57 6.97
C1 2WY C . 13.47 11.60 7.65
C6 2WY C . 12.90 12.35 8.70
C5 2WY C . 13.68 13.37 9.26
C4 2WY C . 14.99 13.57 8.75
C3 2WY C . 15.58 12.82 7.72
C2 2WY C . 14.80 11.83 7.19
O1 2WY C . 15.03 10.93 6.21
C8 2WY C . 13.87 10.16 6.09
C9 2WY C . 13.61 9.03 5.10
C10 2WY C . 14.35 7.71 5.45
C11 2WY C . 13.70 6.71 6.26
C12 2WY C . 14.28 5.47 6.61
C13 2WY C . 15.56 5.25 6.06
C14 2WY C . 16.20 6.20 5.27
C15 2WY C . 15.62 7.44 4.94
N1 2WY C . 12.14 8.67 5.08
S1 2WY C . 10.91 9.52 4.26
O4 2WY C . 10.99 9.25 2.78
O5 2WY C . 9.66 8.96 4.83
C16 2WY C . 11.06 11.26 4.76
C17 2WY C . 11.93 12.12 4.08
C18 2WY C . 12.09 13.42 4.51
O2 2WY C . 12.96 14.13 3.70
C23 2WY C . 14.07 14.85 4.31
C22 2WY C . 13.79 15.99 5.36
C24 2WY C . 12.85 15.55 6.54
O3 2WY C . 11.45 15.20 6.16
C19 2WY C . 11.39 13.90 5.64
C21 2WY C . 10.50 13.07 6.34
C20 2WY C . 10.35 11.74 5.90
C1 S6P D . 25.28 3.28 1.56
C2 S6P D . 25.55 2.65 0.22
C3 S6P D . 24.31 2.40 -0.53
C4 S6P D . 23.37 1.57 0.32
C5 S6P D . 22.21 1.32 -0.59
C6 S6P D . 21.23 0.42 0.10
O1 S6P D . 26.60 3.61 2.03
O2 S6P D . 26.38 3.56 -0.53
O3 S6P D . 24.62 1.68 -1.72
O4 S6P D . 23.97 0.31 0.64
O5 S6P D . 21.65 2.62 -0.87
O6 S6P D . 20.87 0.92 1.40
P S6P D . 19.77 0.15 2.25
O1P S6P D . 19.42 1.04 3.41
O2P S6P D . 20.51 -1.16 2.77
O3P S6P D . 18.50 -0.31 1.54
I IOD E . 32.38 -23.78 10.85
I IOD F . 31.53 20.59 0.99
I IOD G . 20.60 4.20 18.76
I IOD H . 46.90 13.00 9.77
I IOD I . 32.04 -19.74 17.37
I IOD J . 22.57 4.01 -11.72
I IOD K . 1.69 17.25 -6.00
I IOD L . 20.19 13.88 14.06
I IOD M . 4.28 19.78 0.92
I IOD N . 2.54 -9.54 -5.76
I IOD O . 13.45 30.79 6.67
I IOD P . 16.81 -7.05 26.86
I IOD Q . 20.03 7.69 -11.25
C1 GOL R . 7.26 -16.71 -8.34
O1 GOL R . 7.36 -17.31 -9.62
C2 GOL R . 5.78 -16.63 -8.06
O2 GOL R . 5.61 -17.93 -7.48
C3 GOL R . 5.37 -15.37 -7.26
O3 GOL R . 3.99 -15.31 -6.86
C7 2WY S . -14.02 7.99 7.54
C1 2WY S . -14.81 8.71 8.36
C6 2WY S . -14.59 9.96 8.99
C5 2WY S . -15.60 10.49 9.78
C4 2WY S . -16.81 9.77 9.95
C3 2WY S . -17.04 8.54 9.34
C2 2WY S . -16.03 8.01 8.54
O1 2WY S . -15.94 6.84 7.84
C8 2WY S . -14.67 6.87 7.23
C9 2WY S . -14.10 5.74 6.35
C10 2WY S . -14.81 5.69 5.00
C11 2WY S . -14.28 6.39 3.88
C12 2WY S . -14.87 6.37 2.63
C13 2WY S . -16.03 5.60 2.55
C14 2WY S . -16.58 4.93 3.63
C15 2WY S . -15.98 4.94 4.88
N1 2WY S . -12.61 5.83 6.08
S1 2WY S . -11.60 5.15 7.19
O4 2WY S . -11.86 3.69 7.32
O5 2WY S . -10.21 5.40 6.67
C16 2WY S . -12.03 5.97 8.83
C17 2WY S . -12.89 5.39 9.78
C18 2WY S . -13.20 6.06 10.96
O2 2WY S . -14.03 5.34 11.79
C23 2WY S . -15.26 6.00 12.31
C22 2WY S . -15.26 7.30 13.20
C24 2WY S . -14.28 8.41 12.70
O3 2WY S . -12.87 8.13 12.36
C19 2WY S . -12.68 7.33 11.24
C21 2WY S . -11.84 7.93 10.31
C20 2WY S . -11.53 7.24 9.14
C1 S6P T . -25.15 -0.19 0.81
C2 S6P T . -25.25 -1.66 0.47
C3 S6P T . -23.94 -2.31 0.54
C4 S6P T . -22.96 -1.68 -0.41
C5 S6P T . -21.70 -2.47 -0.44
C6 S6P T . -20.70 -1.90 -1.49
O1 S6P T . -26.54 0.31 1.03
O2 S6P T . -26.16 -2.30 1.40
O3 S6P T . -24.12 -3.62 0.10
O4 S6P T . -23.52 -1.70 -1.74
O5 S6P T . -21.18 -2.35 0.85
O6 S6P T . -20.45 -0.47 -1.16
P S6P T . -19.46 0.34 -2.04
O1P S6P T . -19.25 1.67 -1.50
O2P S6P T . -18.08 -0.42 -2.25
O3P S6P T . -20.17 0.40 -3.52
I IOD U . -30.62 2.21 -27.87
I IOD V . -32.96 2.51 17.29
I IOD W . -21.94 17.23 -1.90
I IOD X . -30.88 9.59 -25.62
I IOD Y . -48.12 8.31 7.23
I IOD Z . -21.54 -12.68 4.68
I IOD AA . -16.42 11.76 27.44
I IOD BA . -2.54 -2.59 17.69
I IOD CA . -22.08 14.78 8.62
I IOD DA . -6.98 4.83 19.99
I IOD EA . -51.10 2.01 -17.35
I IOD FA . -1.09 -8.08 -8.30
I IOD GA . -15.27 14.37 23.88
I IOD HA . -29.43 -3.89 -33.53
I IOD IA . -32.70 12.11 18.48
C1 GOL JA . -30.80 -6.06 13.35
O1 GOL JA . -30.62 -5.10 12.29
C2 GOL JA . -29.50 -6.00 14.17
O2 GOL JA . -29.68 -5.36 15.48
C3 GOL JA . -28.92 -7.39 14.27
O3 GOL JA . -27.50 -7.36 14.48
C1 GOL KA . -2.71 -10.66 -13.95
O1 GOL KA . -1.35 -10.53 -13.57
C2 GOL KA . -2.93 -11.84 -14.89
O2 GOL KA . -2.21 -12.95 -14.36
C3 GOL KA . -4.36 -12.21 -14.99
O3 GOL KA . -4.54 -13.27 -15.89
S SO4 LA . -44.85 9.62 12.02
O1 SO4 LA . -46.04 8.71 12.00
O2 SO4 LA . -44.99 10.49 10.82
O3 SO4 LA . -43.53 8.89 11.94
O4 SO4 LA . -44.89 10.38 13.28
S SO4 MA . -34.69 -11.41 -17.55
O1 SO4 MA . -35.04 -11.70 -18.95
O2 SO4 MA . -35.55 -10.26 -17.23
O3 SO4 MA . -33.24 -11.09 -17.51
O4 SO4 MA . -34.98 -12.54 -16.65
S SO4 NA . 1.90 6.39 -15.71
O1 SO4 NA . 0.74 7.08 -16.33
O2 SO4 NA . 1.89 4.95 -16.17
O3 SO4 NA . 1.81 6.48 -14.21
O4 SO4 NA . 3.07 7.18 -16.16
S SO4 OA . -48.24 3.38 9.22
O1 SO4 OA . -49.22 2.92 10.24
O2 SO4 OA . -48.57 2.72 7.94
O3 SO4 OA . -46.87 2.95 9.59
O4 SO4 OA . -48.32 4.87 9.09
#